data_1H1V
#
_entry.id   1H1V
#
_cell.length_a   54.350
_cell.length_b   113.450
_cell.length_c   159.350
_cell.angle_alpha   90.00
_cell.angle_beta   90.00
_cell.angle_gamma   90.00
#
_symmetry.space_group_name_H-M   'P 21 21 21'
#
loop_
_entity.id
_entity.type
_entity.pdbx_description
1 polymer ACTIN
2 polymer GELSOLIN
3 non-polymer 'CALCIUM ION'
4 non-polymer "ADENOSINE-5'-TRIPHOSPHATE"
5 water water
#
loop_
_entity_poly.entity_id
_entity_poly.type
_entity_poly.pdbx_seq_one_letter_code
_entity_poly.pdbx_strand_id
1 'polypeptide(L)'
;DEDETTALVCDNGSGLVKAGFAGDDAPRAVFPSIVGRPRHQGVMVGMGQKDSYVGDEAQSKRGILTLKYPIEHGIITNWD
DMEKIWHHTFYNELRVAPEEHPTLLTEAPLNPKANREKMTQIMFETFNVPAMYVAIQAVLSLYASGRTTGIVLDSGDGVT
HNVPIYEGYALPHAIMRLDLAGRDLTDYLMKILTERGYSFVTTAEREIVRDIKEKLCYVALDFENEMATAASSSSLEKSY
ELPDGQVITIGNERFRCPETLFQPSFIGMESAGIHETTYNSIMKCDIDIRKDLYANNVMSGGTTMYPGIADRMQKEITAL
APSTMKIKIIAPPERKYSVWIGGSILASLSTFQQMWITKQEYDEAGPSIVHRKCF
;
A
2 'polypeptide(L)'
;MDDDGTGQKQIWRIEGSNKVPVDPATYGQFYGGDSYIILYNYRHGGRQGQIIYNWQGAQSTQDEVAASAILTAQLDEELG
GTPVQSRVVQGKEPAHLMSLFGGKPMIIYKGGTSREGGQTAPASTRLFQVRANSAGATRAVEVLPKAGALNSNDAFVLKT
PSAAYLWVGTGASEAEKTGAQELLRVLRAQPVQVAEGSEPDGFWEALGGKAAYRTSPRLKDKKMDAHPPRLFACSNKIGR
FVIEEVPGELMQEDLATDDVMLLDTWDQVFVWVGKDSQEEEKTEALTSAKRYIETDPANRDRRTPITVVKQGFEPPSFVG
WFLGWDDDYWS
;
G
#
loop_
_chem_comp.id
_chem_comp.type
_chem_comp.name
_chem_comp.formula
ATP non-polymer ADENOSINE-5'-TRIPHOSPHATE 'C10 H16 N5 O13 P3'
CA non-polymer 'CALCIUM ION' 'Ca 2'
#
# COMPACT_ATOMS: atom_id res chain seq x y z
N THR A 5 12.64 -18.02 19.87
CA THR A 5 11.55 -17.43 20.72
C THR A 5 10.63 -16.58 19.86
N THR A 6 9.45 -17.09 19.57
CA THR A 6 8.52 -16.37 18.73
C THR A 6 7.54 -15.47 19.48
N ALA A 7 7.36 -14.25 18.99
CA ALA A 7 6.46 -13.31 19.64
C ALA A 7 5.04 -13.41 19.11
N LEU A 8 4.07 -13.19 20.01
CA LEU A 8 2.66 -13.22 19.70
C LEU A 8 2.16 -11.81 19.37
N VAL A 9 1.24 -11.74 18.41
CA VAL A 9 0.68 -10.49 17.96
C VAL A 9 -0.82 -10.56 18.12
N CYS A 10 -1.39 -9.58 18.78
CA CYS A 10 -2.82 -9.59 19.05
C CYS A 10 -3.51 -8.31 18.73
N ASP A 11 -4.43 -8.35 17.77
CA ASP A 11 -5.22 -7.20 17.40
C ASP A 11 -6.65 -7.41 17.92
N ASN A 12 -6.94 -6.86 19.07
CA ASN A 12 -8.28 -7.05 19.60
C ASN A 12 -9.23 -6.05 19.03
N GLY A 13 -10.09 -6.53 18.17
CA GLY A 13 -11.09 -5.70 17.53
C GLY A 13 -12.33 -5.71 18.37
N SER A 14 -13.35 -4.97 17.95
CA SER A 14 -14.58 -4.88 18.69
C SER A 14 -15.40 -6.09 18.37
N GLY A 15 -15.21 -6.63 17.17
CA GLY A 15 -15.98 -7.79 16.75
C GLY A 15 -15.13 -8.96 16.32
N LEU A 16 -13.86 -8.75 16.07
CA LEU A 16 -12.99 -9.85 15.70
C LEU A 16 -11.66 -9.78 16.45
N VAL A 17 -11.10 -10.94 16.75
CA VAL A 17 -9.80 -11.03 17.39
C VAL A 17 -8.86 -11.66 16.37
N LYS A 18 -7.85 -10.94 15.93
CA LYS A 18 -6.90 -11.50 15.00
C LYS A 18 -5.61 -11.79 15.79
N ALA A 19 -5.20 -13.04 15.88
CA ALA A 19 -3.99 -13.34 16.63
C ALA A 19 -3.15 -14.34 15.93
N GLY A 20 -1.87 -14.29 16.24
CA GLY A 20 -0.90 -15.12 15.57
C GLY A 20 0.49 -14.85 16.07
N PHE A 21 1.47 -15.28 15.28
CA PHE A 21 2.86 -15.20 15.66
C PHE A 21 3.55 -14.19 14.80
N ALA A 22 4.50 -13.47 15.38
CA ALA A 22 5.25 -12.45 14.66
C ALA A 22 6.09 -13.10 13.59
N GLY A 23 6.03 -12.57 12.38
CA GLY A 23 6.76 -13.16 11.27
C GLY A 23 5.82 -13.74 10.24
N ASP A 24 4.79 -14.44 10.68
CA ASP A 24 3.79 -14.99 9.77
C ASP A 24 3.07 -13.87 9.00
N ASP A 25 2.65 -14.15 7.74
CA ASP A 25 1.96 -13.16 6.89
C ASP A 25 0.50 -13.00 7.25
N ALA A 26 -0.02 -13.83 8.13
CA ALA A 26 -1.41 -13.67 8.46
C ALA A 26 -1.72 -14.23 9.81
N PRO A 27 -2.74 -13.68 10.43
CA PRO A 27 -3.28 -14.27 11.62
C PRO A 27 -3.40 -15.76 11.49
N ARG A 28 -3.17 -16.46 12.58
CA ARG A 28 -3.37 -17.89 12.57
C ARG A 28 -4.78 -18.11 13.07
N ALA A 29 -5.31 -17.15 13.79
CA ALA A 29 -6.62 -17.31 14.38
C ALA A 29 -7.44 -16.05 14.38
N VAL A 30 -8.62 -16.12 13.77
CA VAL A 30 -9.53 -15.00 13.74
C VAL A 30 -10.88 -15.49 14.26
N PHE A 31 -11.40 -14.85 15.30
CA PHE A 31 -12.64 -15.29 15.91
C PHE A 31 -13.35 -14.16 16.66
N PRO A 32 -14.67 -14.12 16.63
CA PRO A 32 -15.46 -13.15 17.39
C PRO A 32 -15.05 -12.79 18.81
N SER A 33 -14.93 -11.49 19.05
CA SER A 33 -14.57 -10.95 20.33
C SER A 33 -15.76 -11.04 21.24
N ILE A 34 -16.40 -12.20 21.28
CA ILE A 34 -17.57 -12.37 22.16
C ILE A 34 -17.37 -13.47 23.17
N VAL A 35 -17.96 -13.23 24.33
CA VAL A 35 -17.93 -14.16 25.45
C VAL A 35 -19.37 -14.38 25.85
N GLY A 36 -19.81 -15.64 25.84
CA GLY A 36 -21.18 -15.96 26.24
C GLY A 36 -21.27 -16.39 27.70
N ARG A 37 -22.48 -16.58 28.20
CA ARG A 37 -22.69 -17.01 29.59
C ARG A 37 -24.17 -17.32 29.78
N PRO A 38 -24.49 -18.48 30.38
CA PRO A 38 -25.85 -18.81 30.76
C PRO A 38 -26.76 -17.66 31.14
N ARG A 39 -27.92 -17.67 30.49
CA ARG A 39 -28.98 -16.72 30.74
C ARG A 39 -29.76 -17.28 31.90
N HIS A 40 -29.05 -17.96 32.79
CA HIS A 40 -29.65 -18.58 33.95
C HIS A 40 -30.58 -19.74 33.55
N MET A 44 -29.91 -25.96 35.71
CA MET A 44 -28.81 -26.88 35.49
C MET A 44 -28.61 -27.16 34.00
N VAL A 45 -27.45 -27.70 33.66
CA VAL A 45 -27.11 -28.14 32.32
C VAL A 45 -26.48 -29.52 32.59
N GLY A 46 -25.44 -29.93 31.90
CA GLY A 46 -24.86 -31.23 32.19
C GLY A 46 -24.00 -31.13 33.43
N MET A 47 -22.82 -31.72 33.35
CA MET A 47 -21.85 -31.69 34.42
C MET A 47 -20.60 -30.98 33.93
N GLY A 48 -19.95 -30.26 34.83
CA GLY A 48 -18.81 -29.47 34.45
C GLY A 48 -19.37 -28.25 33.77
N GLN A 49 -20.47 -27.74 34.31
CA GLN A 49 -21.17 -26.62 33.70
C GLN A 49 -20.29 -25.40 33.55
N LYS A 50 -19.97 -25.14 32.29
CA LYS A 50 -19.13 -24.04 31.85
C LYS A 50 -19.74 -22.69 32.20
N ASP A 51 -19.03 -21.94 33.02
CA ASP A 51 -19.46 -20.61 33.40
C ASP A 51 -19.35 -19.66 32.20
N SER A 52 -18.52 -20.02 31.22
CA SER A 52 -18.29 -19.14 30.07
C SER A 52 -17.81 -19.84 28.83
N TYR A 53 -18.46 -19.55 27.71
CA TYR A 53 -17.99 -20.01 26.41
C TYR A 53 -17.55 -18.78 25.59
N VAL A 54 -16.59 -18.94 24.68
CA VAL A 54 -16.04 -17.79 23.93
C VAL A 54 -15.85 -18.00 22.43
N GLY A 55 -16.01 -16.93 21.66
CA GLY A 55 -15.74 -16.95 20.23
C GLY A 55 -16.66 -17.84 19.40
N ASP A 56 -16.10 -18.42 18.34
CA ASP A 56 -16.86 -19.31 17.45
C ASP A 56 -17.88 -20.10 18.26
N GLU A 57 -17.38 -20.71 19.32
CA GLU A 57 -18.17 -21.58 20.14
C GLU A 57 -19.32 -20.89 20.86
N ALA A 58 -19.12 -19.66 21.29
CA ALA A 58 -20.20 -18.92 21.94
C ALA A 58 -21.21 -18.43 20.91
N GLN A 59 -20.84 -18.47 19.63
CA GLN A 59 -21.76 -18.04 18.57
C GLN A 59 -22.61 -19.22 18.16
N SER A 60 -21.94 -20.23 17.60
CA SER A 60 -22.60 -21.42 17.09
C SER A 60 -23.77 -21.83 17.96
N LYS A 61 -23.77 -21.33 19.19
CA LYS A 61 -24.81 -21.67 20.11
C LYS A 61 -25.64 -20.44 20.34
N ARG A 62 -25.51 -19.82 21.49
CA ARG A 62 -26.23 -18.58 21.75
C ARG A 62 -27.50 -18.84 22.54
N GLY A 63 -28.11 -20.02 22.43
CA GLY A 63 -29.36 -20.28 23.13
C GLY A 63 -29.32 -20.13 24.66
N ILE A 64 -28.16 -20.38 25.26
CA ILE A 64 -27.96 -20.33 26.71
C ILE A 64 -26.85 -19.32 26.96
N LEU A 65 -27.23 -18.06 27.13
CA LEU A 65 -26.26 -16.99 27.06
C LEU A 65 -26.73 -15.58 27.40
N THR A 66 -26.21 -14.66 26.60
CA THR A 66 -26.42 -13.24 26.65
C THR A 66 -25.57 -12.71 25.51
N LEU A 67 -24.40 -13.33 25.33
CA LEU A 67 -23.43 -12.89 24.33
C LEU A 67 -23.03 -11.48 24.69
N LYS A 68 -21.78 -11.32 25.09
CA LYS A 68 -21.30 -10.02 25.52
C LYS A 68 -20.08 -9.60 24.70
N TYR A 69 -19.77 -8.31 24.76
CA TYR A 69 -18.70 -7.71 23.98
C TYR A 69 -17.75 -6.90 24.84
N PRO A 70 -16.63 -7.47 25.22
CA PRO A 70 -15.64 -6.80 26.06
C PRO A 70 -15.16 -5.48 25.50
N ILE A 71 -15.24 -5.33 24.18
CA ILE A 71 -14.81 -4.11 23.52
C ILE A 71 -15.96 -3.45 22.78
N GLU A 72 -16.24 -2.20 23.15
CA GLU A 72 -17.28 -1.42 22.51
C GLU A 72 -16.60 -0.24 21.85
N HIS A 73 -16.78 -0.08 20.56
CA HIS A 73 -16.21 1.07 19.86
C HIS A 73 -14.69 1.20 20.00
N GLY A 74 -14.00 0.07 20.04
CA GLY A 74 -12.54 0.09 20.05
C GLY A 74 -11.92 0.04 21.42
N ILE A 75 -12.73 0.30 22.42
CA ILE A 75 -12.23 0.36 23.78
C ILE A 75 -12.70 -0.82 24.60
N ILE A 76 -11.83 -1.34 25.45
CA ILE A 76 -12.15 -2.44 26.33
C ILE A 76 -12.98 -1.86 27.44
N THR A 77 -14.09 -2.49 27.77
CA THR A 77 -14.97 -2.00 28.83
C THR A 77 -15.34 -3.09 29.84
N ASN A 78 -15.33 -4.36 29.42
CA ASN A 78 -15.59 -5.49 30.31
C ASN A 78 -14.28 -6.27 30.50
N TRP A 79 -13.45 -5.82 31.43
CA TRP A 79 -12.13 -6.45 31.61
C TRP A 79 -12.15 -7.96 31.99
N ASP A 80 -12.98 -8.35 32.94
CA ASP A 80 -13.06 -9.75 33.28
C ASP A 80 -13.28 -10.58 31.99
N ASP A 81 -14.29 -10.22 31.22
CA ASP A 81 -14.59 -10.90 29.96
C ASP A 81 -13.47 -10.75 28.94
N MET A 82 -12.75 -9.65 29.02
CA MET A 82 -11.64 -9.42 28.09
C MET A 82 -10.56 -10.45 28.38
N GLU A 83 -10.32 -10.70 29.67
CA GLU A 83 -9.36 -11.70 30.09
C GLU A 83 -9.80 -13.05 29.53
N LYS A 84 -11.10 -13.33 29.55
CA LYS A 84 -11.57 -14.56 28.95
C LYS A 84 -11.10 -14.63 27.49
N ILE A 85 -11.21 -13.52 26.78
CA ILE A 85 -10.78 -13.44 25.38
C ILE A 85 -9.29 -13.70 25.29
N TRP A 86 -8.50 -13.10 26.18
CA TRP A 86 -7.05 -13.24 26.12
C TRP A 86 -6.58 -14.63 26.49
N HIS A 87 -7.26 -15.22 27.46
CA HIS A 87 -6.93 -16.57 27.81
C HIS A 87 -7.23 -17.46 26.63
N HIS A 88 -8.48 -17.51 26.23
CA HIS A 88 -8.87 -18.34 25.11
C HIS A 88 -7.93 -18.16 23.93
N THR A 89 -7.54 -16.91 23.66
CA THR A 89 -6.59 -16.63 22.59
C THR A 89 -5.33 -17.40 22.85
N PHE A 90 -4.77 -17.15 24.02
CA PHE A 90 -3.53 -17.77 24.44
C PHE A 90 -3.58 -19.30 24.52
N TYR A 91 -4.45 -19.84 25.36
CA TYR A 91 -4.48 -21.29 25.59
C TYR A 91 -5.28 -22.14 24.61
N ASN A 92 -6.32 -21.58 23.96
CA ASN A 92 -7.16 -22.38 23.03
C ASN A 92 -6.87 -22.25 21.52
N GLU A 93 -6.77 -21.03 21.01
CA GLU A 93 -6.51 -20.77 19.59
C GLU A 93 -5.05 -20.87 19.21
N LEU A 94 -4.21 -20.07 19.84
CA LEU A 94 -2.78 -20.07 19.54
C LEU A 94 -2.05 -21.27 20.12
N ARG A 95 -2.57 -21.78 21.24
CA ARG A 95 -2.01 -22.97 21.90
C ARG A 95 -0.56 -22.77 22.28
N VAL A 96 -0.35 -21.83 23.18
CA VAL A 96 0.96 -21.49 23.68
C VAL A 96 0.75 -21.17 25.14
N ALA A 97 1.82 -20.94 25.87
CA ALA A 97 1.72 -20.53 27.26
C ALA A 97 2.29 -19.11 27.32
N PRO A 98 1.53 -18.15 27.80
CA PRO A 98 1.93 -16.74 27.80
C PRO A 98 3.29 -16.41 28.41
N GLU A 99 3.70 -17.07 29.48
CA GLU A 99 4.98 -16.76 30.10
C GLU A 99 6.16 -16.96 29.16
N GLU A 100 5.93 -17.73 28.10
CA GLU A 100 6.99 -18.11 27.19
C GLU A 100 7.17 -17.23 25.95
N HIS A 101 6.26 -16.28 25.70
CA HIS A 101 6.39 -15.41 24.53
C HIS A 101 6.14 -13.96 24.86
N PRO A 102 6.95 -13.09 24.26
CA PRO A 102 6.69 -11.66 24.28
C PRO A 102 5.39 -11.43 23.53
N THR A 103 4.60 -10.47 23.97
CA THR A 103 3.32 -10.24 23.34
C THR A 103 3.08 -8.80 22.91
N LEU A 104 2.67 -8.65 21.67
CA LEU A 104 2.31 -7.35 21.12
C LEU A 104 0.80 -7.17 21.07
N LEU A 105 0.29 -6.16 21.75
CA LEU A 105 -1.16 -5.90 21.74
C LEU A 105 -1.44 -4.66 20.93
N THR A 106 -2.60 -4.56 20.31
CA THR A 106 -2.91 -3.33 19.60
C THR A 106 -3.96 -2.56 20.39
N GLU A 107 -4.13 -1.27 20.09
CA GLU A 107 -5.13 -0.44 20.76
C GLU A 107 -5.77 0.56 19.79
N ALA A 108 -6.81 1.25 20.26
CA ALA A 108 -7.46 2.25 19.44
C ALA A 108 -6.72 3.57 19.54
N PRO A 109 -6.89 4.41 18.53
CA PRO A 109 -6.24 5.72 18.50
C PRO A 109 -6.17 6.49 19.81
N LEU A 110 -7.29 6.88 20.39
CA LEU A 110 -7.18 7.68 21.60
C LEU A 110 -7.40 6.87 22.86
N ASN A 111 -6.93 5.64 22.89
CA ASN A 111 -7.11 4.82 24.08
C ASN A 111 -6.69 5.58 25.32
N PRO A 112 -7.58 5.67 26.29
CA PRO A 112 -7.29 6.34 27.57
C PRO A 112 -6.14 5.74 28.37
N LYS A 113 -5.22 6.60 28.81
CA LYS A 113 -4.04 6.23 29.61
C LYS A 113 -4.38 5.21 30.70
N ALA A 114 -5.62 5.17 31.14
CA ALA A 114 -5.99 4.23 32.17
C ALA A 114 -6.10 2.83 31.59
N ASN A 115 -6.58 2.73 30.36
CA ASN A 115 -6.76 1.46 29.73
C ASN A 115 -5.43 0.82 29.41
N ARG A 116 -4.48 1.59 28.94
CA ARG A 116 -3.17 1.04 28.59
C ARG A 116 -2.56 0.37 29.80
N GLU A 117 -2.77 0.98 30.96
CA GLU A 117 -2.19 0.46 32.17
C GLU A 117 -2.85 -0.85 32.54
N LYS A 118 -4.15 -0.85 32.68
CA LYS A 118 -4.86 -2.06 33.01
C LYS A 118 -4.35 -3.17 32.12
N MET A 119 -4.27 -2.86 30.84
CA MET A 119 -3.85 -3.80 29.81
C MET A 119 -2.49 -4.34 30.15
N THR A 120 -1.57 -3.44 30.49
CA THR A 120 -0.21 -3.83 30.81
C THR A 120 -0.19 -4.62 32.12
N GLN A 121 -0.96 -4.14 33.09
CA GLN A 121 -1.03 -4.86 34.34
C GLN A 121 -1.55 -6.28 34.14
N ILE A 122 -2.67 -6.42 33.45
CA ILE A 122 -3.21 -7.76 33.23
C ILE A 122 -2.17 -8.66 32.57
N MET A 123 -1.50 -8.18 31.53
CA MET A 123 -0.59 -9.02 30.80
C MET A 123 0.55 -9.48 31.67
N PHE A 124 0.93 -8.69 32.67
CA PHE A 124 2.06 -9.07 33.53
C PHE A 124 1.64 -9.86 34.77
N GLU A 125 0.67 -9.35 35.52
CA GLU A 125 0.21 -9.99 36.74
C GLU A 125 -0.71 -11.17 36.50
N THR A 126 -1.45 -11.19 35.40
CA THR A 126 -2.36 -12.32 35.16
C THR A 126 -1.85 -13.40 34.22
N PHE A 127 -0.99 -13.06 33.27
CA PHE A 127 -0.49 -14.05 32.34
C PHE A 127 1.03 -14.26 32.50
N ASN A 128 1.65 -13.48 33.36
CA ASN A 128 3.08 -13.59 33.64
C ASN A 128 3.93 -13.63 32.40
N VAL A 129 3.63 -12.74 31.46
CA VAL A 129 4.38 -12.68 30.21
C VAL A 129 5.80 -12.16 30.44
N PRO A 130 6.69 -12.53 29.55
CA PRO A 130 8.09 -12.13 29.60
C PRO A 130 8.26 -10.66 29.29
N ALA A 131 7.54 -10.22 28.27
CA ALA A 131 7.60 -8.84 27.86
C ALA A 131 6.36 -8.49 27.05
N MET A 132 6.05 -7.20 26.97
CA MET A 132 4.90 -6.81 26.15
C MET A 132 5.05 -5.43 25.57
N TYR A 133 4.13 -5.10 24.67
CA TYR A 133 4.15 -3.82 23.97
C TYR A 133 2.77 -3.55 23.41
N VAL A 134 2.46 -2.27 23.28
CA VAL A 134 1.17 -1.89 22.70
C VAL A 134 1.35 -0.92 21.56
N ALA A 135 0.76 -1.23 20.43
CA ALA A 135 0.82 -0.36 19.27
C ALA A 135 -0.54 0.26 18.95
N ILE A 136 -0.51 1.39 18.23
CA ILE A 136 -1.71 2.06 17.75
C ILE A 136 -2.12 1.41 16.43
N GLN A 137 -3.29 0.79 16.44
CA GLN A 137 -3.79 0.08 15.27
C GLN A 137 -3.51 0.79 13.96
N ALA A 138 -4.09 1.96 13.74
CA ALA A 138 -3.96 2.65 12.45
C ALA A 138 -2.52 2.82 12.03
N VAL A 139 -1.67 3.10 12.99
CA VAL A 139 -0.29 3.29 12.65
C VAL A 139 0.24 1.98 12.05
N LEU A 140 -0.10 0.85 12.65
CA LEU A 140 0.36 -0.42 12.11
C LEU A 140 -0.03 -0.62 10.66
N SER A 141 -1.26 -0.24 10.32
CA SER A 141 -1.79 -0.42 8.99
C SER A 141 -1.01 0.45 8.03
N LEU A 142 -0.60 1.60 8.54
CA LEU A 142 0.18 2.50 7.72
C LEU A 142 1.51 1.77 7.46
N TYR A 143 2.24 1.41 8.51
CA TYR A 143 3.50 0.68 8.28
C TYR A 143 3.32 -0.44 7.26
N ALA A 144 2.27 -1.22 7.46
CA ALA A 144 1.98 -2.34 6.61
C ALA A 144 2.12 -2.01 5.13
N SER A 145 1.74 -0.78 4.77
CA SER A 145 1.79 -0.28 3.39
C SER A 145 3.14 0.32 3.03
N GLY A 146 4.04 0.41 4.00
CA GLY A 146 5.34 0.98 3.74
C GLY A 146 5.40 2.50 3.86
N ARG A 147 4.36 3.09 4.46
CA ARG A 147 4.34 4.53 4.68
C ARG A 147 4.52 4.78 6.14
N THR A 148 4.93 6.02 6.45
CA THR A 148 5.02 6.47 7.82
C THR A 148 4.33 7.81 7.95
N THR A 149 3.68 8.23 6.87
CA THR A 149 2.92 9.46 6.86
C THR A 149 1.73 9.28 6.01
N GLY A 150 0.63 9.88 6.40
CA GLY A 150 -0.55 9.76 5.59
C GLY A 150 -1.71 9.64 6.52
N ILE A 151 -2.92 9.78 6.04
CA ILE A 151 -4.09 9.64 6.89
C ILE A 151 -4.79 8.30 6.64
N VAL A 152 -4.99 7.57 7.74
CA VAL A 152 -5.59 6.25 7.70
C VAL A 152 -7.06 6.27 7.97
N LEU A 153 -7.80 5.40 7.28
CA LEU A 153 -9.22 5.26 7.51
C LEU A 153 -9.36 3.87 8.05
N ASP A 154 -9.72 3.78 9.33
CA ASP A 154 -9.87 2.48 9.95
C ASP A 154 -11.30 2.33 10.36
N SER A 155 -12.09 1.67 9.54
CA SER A 155 -13.46 1.39 9.88
C SER A 155 -13.57 -0.13 9.96
N GLY A 156 -14.04 -0.61 11.11
CA GLY A 156 -14.21 -2.04 11.36
C GLY A 156 -15.62 -2.45 11.75
N ASP A 157 -15.76 -3.12 12.90
CA ASP A 157 -17.07 -3.58 13.31
C ASP A 157 -17.79 -2.68 14.31
N GLY A 158 -17.02 -1.92 15.09
CA GLY A 158 -17.58 -1.06 16.11
C GLY A 158 -17.28 0.43 15.98
N VAL A 159 -16.19 0.77 15.29
CA VAL A 159 -15.81 2.18 15.09
C VAL A 159 -15.09 2.50 13.78
N THR A 160 -15.06 3.79 13.47
CA THR A 160 -14.39 4.25 12.29
C THR A 160 -13.49 5.34 12.81
N HIS A 161 -12.26 5.37 12.34
CA HIS A 161 -11.31 6.40 12.74
C HIS A 161 -10.68 7.14 11.55
N ASN A 162 -10.46 8.42 11.72
CA ASN A 162 -9.70 9.14 10.74
C ASN A 162 -8.43 9.42 11.51
N VAL A 163 -7.30 8.85 11.10
CA VAL A 163 -6.06 9.01 11.86
C VAL A 163 -4.89 9.47 11.03
N PRO A 164 -4.69 10.77 11.07
CA PRO A 164 -3.49 11.43 10.57
C PRO A 164 -2.18 10.93 11.16
N ILE A 165 -1.29 10.47 10.31
CA ILE A 165 0.01 10.05 10.76
C ILE A 165 1.12 10.77 10.01
N TYR A 166 2.10 11.31 10.74
CA TYR A 166 3.22 12.04 10.14
C TYR A 166 4.56 11.60 10.68
N GLU A 167 5.36 10.99 9.82
CA GLU A 167 6.68 10.45 10.16
C GLU A 167 6.60 9.39 11.25
N GLY A 168 5.57 8.57 11.22
CA GLY A 168 5.43 7.46 12.16
C GLY A 168 4.69 7.76 13.46
N TYR A 169 4.24 8.99 13.61
CA TYR A 169 3.51 9.37 14.83
C TYR A 169 2.11 9.94 14.57
N ALA A 170 1.11 9.39 15.24
CA ALA A 170 -0.24 9.88 15.08
C ALA A 170 -0.37 11.27 15.63
N LEU A 171 -1.24 12.09 15.01
CA LEU A 171 -1.45 13.45 15.46
C LEU A 171 -2.76 13.56 16.26
N PRO A 172 -2.69 13.35 17.56
CA PRO A 172 -3.87 13.24 18.40
C PRO A 172 -4.86 14.38 18.26
N HIS A 173 -4.39 15.59 18.08
CA HIS A 173 -5.36 16.67 17.97
C HIS A 173 -6.19 16.53 16.71
N ALA A 174 -5.72 15.76 15.75
CA ALA A 174 -6.38 15.65 14.45
C ALA A 174 -7.18 14.37 14.22
N ILE A 175 -7.06 13.41 15.14
CA ILE A 175 -7.85 12.18 15.08
C ILE A 175 -9.36 12.43 15.19
N MET A 176 -10.13 11.61 14.49
CA MET A 176 -11.58 11.68 14.52
C MET A 176 -12.15 10.29 14.77
N ARG A 177 -13.12 10.23 15.67
CA ARG A 177 -13.73 8.97 16.07
C ARG A 177 -15.18 9.00 15.68
N LEU A 178 -15.66 8.00 14.98
CA LEU A 178 -17.04 7.96 14.55
C LEU A 178 -17.58 6.61 14.94
N ASP A 179 -18.48 6.53 15.93
CA ASP A 179 -19.04 5.25 16.39
C ASP A 179 -20.11 4.70 15.47
N LEU A 180 -19.73 4.41 14.24
CA LEU A 180 -20.63 3.84 13.26
C LEU A 180 -19.74 2.99 12.37
N ALA A 181 -20.04 1.71 12.29
CA ALA A 181 -19.22 0.85 11.49
C ALA A 181 -19.91 -0.50 11.29
N GLY A 182 -19.11 -1.55 11.03
CA GLY A 182 -19.58 -2.88 10.74
C GLY A 182 -20.93 -3.29 11.27
N ARG A 183 -20.99 -3.57 12.56
CA ARG A 183 -22.23 -3.99 13.18
C ARG A 183 -23.37 -3.06 12.84
N ASP A 184 -23.18 -1.76 13.03
CA ASP A 184 -24.20 -0.77 12.71
C ASP A 184 -24.78 -1.03 11.33
N LEU A 185 -23.93 -1.02 10.30
CA LEU A 185 -24.40 -1.26 8.93
C LEU A 185 -25.16 -2.56 8.75
N THR A 186 -24.75 -3.60 9.47
CA THR A 186 -25.41 -4.88 9.40
C THR A 186 -26.82 -4.68 9.91
N ASP A 187 -26.94 -4.27 11.18
CA ASP A 187 -28.25 -4.07 11.80
C ASP A 187 -29.13 -3.22 10.89
N TYR A 188 -28.57 -2.15 10.34
CA TYR A 188 -29.37 -1.29 9.47
C TYR A 188 -29.86 -2.08 8.28
N LEU A 189 -29.03 -2.97 7.76
CA LEU A 189 -29.43 -3.76 6.61
C LEU A 189 -30.61 -4.63 6.94
N MET A 190 -30.74 -5.02 8.21
CA MET A 190 -31.89 -5.83 8.64
C MET A 190 -33.16 -4.99 8.64
N LYS A 191 -33.02 -3.73 9.02
CA LYS A 191 -34.14 -2.82 9.13
C LYS A 191 -34.75 -2.63 7.77
N ILE A 192 -33.91 -2.27 6.81
CA ILE A 192 -34.37 -1.96 5.46
C ILE A 192 -34.88 -3.20 4.75
N LEU A 193 -34.16 -4.30 4.88
CA LEU A 193 -34.63 -5.53 4.29
C LEU A 193 -36.00 -5.89 4.87
N THR A 194 -36.16 -5.68 6.18
CA THR A 194 -37.43 -5.97 6.85
C THR A 194 -38.53 -5.09 6.31
N GLU A 195 -38.20 -3.83 6.09
CA GLU A 195 -39.16 -2.92 5.51
C GLU A 195 -39.41 -3.38 4.09
N ARG A 196 -38.44 -4.03 3.50
CA ARG A 196 -38.59 -4.51 2.14
C ARG A 196 -39.72 -5.53 2.06
N GLY A 197 -39.89 -6.30 3.13
CA GLY A 197 -40.92 -7.32 3.17
C GLY A 197 -40.40 -8.58 3.84
N TYR A 198 -39.13 -8.90 3.60
CA TYR A 198 -38.51 -10.07 4.23
C TYR A 198 -38.38 -9.75 5.70
N SER A 199 -38.08 -10.72 6.54
CA SER A 199 -38.07 -10.47 7.97
C SER A 199 -36.84 -11.01 8.67
N PHE A 200 -35.97 -10.08 9.09
CA PHE A 200 -34.78 -10.41 9.83
C PHE A 200 -34.79 -9.61 11.13
N VAL A 201 -34.90 -10.32 12.25
CA VAL A 201 -34.98 -9.67 13.55
C VAL A 201 -34.16 -10.48 14.54
N THR A 202 -34.29 -11.78 14.41
CA THR A 202 -33.59 -12.71 15.27
C THR A 202 -32.07 -12.57 15.16
N THR A 203 -31.40 -12.80 16.28
CA THR A 203 -29.95 -12.76 16.36
C THR A 203 -29.31 -13.76 15.41
N ALA A 204 -29.92 -14.93 15.28
CA ALA A 204 -29.43 -15.96 14.38
C ALA A 204 -29.55 -15.42 12.95
N GLU A 205 -30.53 -14.55 12.73
CA GLU A 205 -30.77 -13.98 11.42
C GLU A 205 -29.87 -12.76 11.21
N ARG A 206 -29.35 -12.22 12.31
CA ARG A 206 -28.46 -11.09 12.25
C ARG A 206 -27.24 -11.51 11.45
N GLU A 207 -26.84 -12.77 11.64
CA GLU A 207 -25.66 -13.30 10.97
C GLU A 207 -25.94 -13.57 9.51
N ILE A 208 -27.18 -13.91 9.20
CA ILE A 208 -27.50 -14.15 7.82
C ILE A 208 -27.19 -12.85 7.13
N VAL A 209 -27.92 -11.80 7.52
CA VAL A 209 -27.76 -10.46 6.99
C VAL A 209 -26.32 -10.01 6.87
N ARG A 210 -25.49 -10.39 7.84
CA ARG A 210 -24.07 -10.03 7.82
C ARG A 210 -23.40 -10.54 6.56
N ASP A 211 -23.77 -11.74 6.12
CA ASP A 211 -23.21 -12.35 4.91
C ASP A 211 -23.78 -11.67 3.67
N ILE A 212 -25.04 -11.25 3.73
CA ILE A 212 -25.65 -10.54 2.62
C ILE A 212 -24.93 -9.20 2.49
N LYS A 213 -24.42 -8.73 3.61
CA LYS A 213 -23.75 -7.46 3.64
C LYS A 213 -22.37 -7.56 3.06
N GLU A 214 -21.69 -8.66 3.32
CA GLU A 214 -20.31 -8.80 2.87
C GLU A 214 -20.22 -9.33 1.47
N LYS A 215 -21.35 -9.71 0.89
CA LYS A 215 -21.31 -10.33 -0.42
C LYS A 215 -22.05 -9.58 -1.51
N LEU A 216 -23.02 -8.75 -1.13
CA LEU A 216 -23.82 -8.06 -2.15
C LEU A 216 -23.93 -6.56 -2.01
N CYS A 217 -23.45 -6.00 -0.92
CA CYS A 217 -23.51 -4.57 -0.76
C CYS A 217 -22.39 -3.89 -1.53
N TYR A 218 -22.59 -2.61 -1.83
CA TYR A 218 -21.54 -1.84 -2.51
C TYR A 218 -21.82 -0.38 -2.24
N VAL A 219 -20.87 0.50 -2.51
CA VAL A 219 -21.11 1.93 -2.35
C VAL A 219 -21.35 2.58 -3.70
N ALA A 220 -22.45 3.29 -3.83
CA ALA A 220 -22.79 3.92 -5.10
C ALA A 220 -21.87 5.10 -5.36
N LEU A 221 -21.57 5.37 -6.61
CA LEU A 221 -20.75 6.52 -6.89
C LEU A 221 -21.57 7.77 -6.72
N ASP A 222 -22.83 7.67 -7.10
CA ASP A 222 -23.76 8.76 -6.98
C ASP A 222 -25.06 8.21 -6.46
N PHE A 223 -25.23 8.29 -5.15
CA PHE A 223 -26.36 7.71 -4.48
C PHE A 223 -27.68 8.03 -5.14
N GLU A 224 -27.93 9.28 -5.48
CA GLU A 224 -29.19 9.64 -6.09
C GLU A 224 -29.41 8.96 -7.46
N ASN A 225 -28.40 8.93 -8.32
CA ASN A 225 -28.56 8.23 -9.58
C ASN A 225 -28.87 6.77 -9.29
N GLU A 226 -28.08 6.12 -8.45
CA GLU A 226 -28.30 4.72 -8.18
C GLU A 226 -29.72 4.53 -7.70
N MET A 227 -30.15 5.35 -6.76
CA MET A 227 -31.51 5.24 -6.27
C MET A 227 -32.45 5.21 -7.47
N ALA A 228 -32.23 6.13 -8.39
CA ALA A 228 -33.08 6.27 -9.57
C ALA A 228 -33.08 4.98 -10.42
N THR A 229 -31.88 4.53 -10.75
CA THR A 229 -31.71 3.34 -11.55
C THR A 229 -32.35 2.13 -10.93
N ALA A 230 -32.21 1.99 -9.63
CA ALA A 230 -32.77 0.89 -8.90
C ALA A 230 -34.29 0.94 -9.02
N ALA A 231 -34.82 2.14 -9.11
CA ALA A 231 -36.26 2.31 -9.18
C ALA A 231 -36.78 2.20 -10.59
N SER A 232 -35.95 2.48 -11.59
CA SER A 232 -36.39 2.39 -12.98
C SER A 232 -36.35 0.94 -13.52
N SER A 233 -35.24 0.23 -13.37
CA SER A 233 -35.19 -1.15 -13.84
C SER A 233 -35.02 -2.11 -12.69
N SER A 234 -34.29 -3.17 -12.95
CA SER A 234 -34.00 -4.18 -11.96
C SER A 234 -32.58 -4.69 -12.18
N SER A 235 -31.78 -3.89 -12.87
CA SER A 235 -30.40 -4.21 -13.20
C SER A 235 -29.52 -4.29 -11.98
N LEU A 236 -29.93 -3.65 -10.90
CA LEU A 236 -29.14 -3.60 -9.69
C LEU A 236 -29.48 -4.71 -8.69
N GLU A 237 -30.56 -5.43 -8.95
CA GLU A 237 -31.05 -6.46 -8.06
C GLU A 237 -30.14 -7.68 -8.03
N LYS A 238 -30.12 -8.36 -6.89
CA LYS A 238 -29.32 -9.56 -6.71
C LYS A 238 -30.12 -10.58 -5.95
N SER A 239 -29.89 -11.86 -6.27
CA SER A 239 -30.61 -12.93 -5.61
C SER A 239 -29.71 -13.57 -4.57
N TYR A 240 -30.25 -13.73 -3.37
CA TYR A 240 -29.54 -14.34 -2.26
C TYR A 240 -30.38 -15.49 -1.72
N GLU A 241 -29.81 -16.69 -1.74
CA GLU A 241 -30.50 -17.89 -1.28
C GLU A 241 -30.32 -18.05 0.21
N LEU A 242 -31.41 -18.02 0.96
CA LEU A 242 -31.33 -18.17 2.42
C LEU A 242 -31.07 -19.63 2.75
N PRO A 243 -30.75 -19.96 3.99
CA PRO A 243 -30.49 -21.34 4.39
C PRO A 243 -31.67 -22.29 4.24
N ASP A 244 -32.90 -21.80 4.33
CA ASP A 244 -34.06 -22.68 4.15
C ASP A 244 -34.35 -22.87 2.67
N GLY A 245 -33.55 -22.26 1.81
CA GLY A 245 -33.68 -22.45 0.37
C GLY A 245 -34.46 -21.33 -0.31
N GLN A 246 -35.13 -20.53 0.50
CA GLN A 246 -35.92 -19.44 0.01
C GLN A 246 -34.97 -18.42 -0.58
N VAL A 247 -35.27 -17.93 -1.77
CA VAL A 247 -34.45 -16.96 -2.45
C VAL A 247 -35.08 -15.58 -2.35
N ILE A 248 -34.37 -14.66 -1.74
CA ILE A 248 -34.87 -13.28 -1.62
C ILE A 248 -34.03 -12.42 -2.53
N THR A 249 -34.60 -11.34 -3.05
CA THR A 249 -33.88 -10.42 -3.90
C THR A 249 -33.65 -9.08 -3.21
N ILE A 250 -32.40 -8.70 -3.03
CA ILE A 250 -32.12 -7.41 -2.41
C ILE A 250 -31.70 -6.50 -3.54
N GLY A 251 -32.35 -5.35 -3.62
CA GLY A 251 -32.11 -4.37 -4.66
C GLY A 251 -31.43 -3.13 -4.14
N ASN A 252 -32.07 -1.99 -4.20
CA ASN A 252 -31.39 -0.75 -3.78
C ASN A 252 -30.77 -0.85 -2.39
N GLU A 253 -31.28 -1.72 -1.54
CA GLU A 253 -30.70 -1.86 -0.21
C GLU A 253 -29.25 -2.28 -0.30
N ARG A 254 -28.79 -2.66 -1.48
CA ARG A 254 -27.42 -3.08 -1.64
C ARG A 254 -26.47 -1.93 -1.37
N PHE A 255 -26.86 -0.75 -1.78
CA PHE A 255 -26.01 0.40 -1.59
C PHE A 255 -26.49 1.34 -0.51
N ARG A 256 -27.78 1.30 -0.22
CA ARG A 256 -28.30 2.14 0.83
C ARG A 256 -27.57 1.80 2.14
N CYS A 257 -27.25 0.52 2.33
CA CYS A 257 -26.63 0.07 3.56
C CYS A 257 -25.34 0.81 3.88
N PRO A 258 -24.31 0.66 3.06
CA PRO A 258 -23.06 1.38 3.29
C PRO A 258 -23.16 2.82 2.86
N GLU A 259 -24.29 3.23 2.34
CA GLU A 259 -24.41 4.63 2.02
C GLU A 259 -24.37 5.40 3.32
N THR A 260 -24.68 4.69 4.41
CA THR A 260 -24.73 5.22 5.77
C THR A 260 -23.44 5.85 6.16
N LEU A 261 -22.37 5.25 5.70
CA LEU A 261 -21.05 5.76 5.99
C LEU A 261 -21.00 7.26 5.65
N PHE A 262 -21.45 7.59 4.44
CA PHE A 262 -21.37 8.96 3.94
C PHE A 262 -22.53 9.85 4.47
N GLN A 263 -23.60 9.22 4.94
CA GLN A 263 -24.76 9.94 5.46
C GLN A 263 -25.27 9.29 6.72
N PRO A 264 -24.55 9.44 7.81
CA PRO A 264 -24.92 8.82 9.08
C PRO A 264 -26.34 9.12 9.45
N SER A 265 -26.83 10.16 8.80
CA SER A 265 -28.19 10.57 8.96
C SER A 265 -29.14 9.40 8.78
N PHE A 266 -28.74 8.39 8.04
CA PHE A 266 -29.62 7.27 7.75
C PHE A 266 -29.88 6.30 8.88
N ILE A 267 -29.13 6.37 9.98
CA ILE A 267 -29.39 5.48 11.12
C ILE A 267 -29.59 6.29 12.39
N GLY A 268 -30.01 7.54 12.22
CA GLY A 268 -30.27 8.40 13.36
C GLY A 268 -29.08 9.14 13.92
N MET A 269 -27.91 9.00 13.33
CA MET A 269 -26.76 9.70 13.88
C MET A 269 -26.68 11.15 13.48
N GLU A 270 -26.17 11.99 14.37
CA GLU A 270 -26.00 13.40 14.06
C GLU A 270 -24.72 13.60 13.26
N SER A 271 -23.68 12.87 13.61
CA SER A 271 -22.41 12.96 12.92
C SER A 271 -22.45 13.21 11.41
N ALA A 272 -21.31 13.68 10.92
CA ALA A 272 -21.06 13.89 9.51
C ALA A 272 -20.60 12.57 8.87
N GLY A 273 -20.31 12.60 7.58
CA GLY A 273 -19.86 11.41 6.87
C GLY A 273 -18.36 11.16 6.96
N ILE A 274 -17.96 9.94 6.64
CA ILE A 274 -16.54 9.60 6.71
C ILE A 274 -15.70 10.46 5.79
N HIS A 275 -16.26 11.01 4.73
CA HIS A 275 -15.51 11.93 3.86
C HIS A 275 -15.34 13.33 4.47
N GLU A 276 -16.35 13.79 5.21
CA GLU A 276 -16.24 15.07 5.88
C GLU A 276 -15.26 14.98 7.04
N THR A 277 -15.36 13.92 7.84
CA THR A 277 -14.47 13.78 8.98
C THR A 277 -13.02 13.71 8.51
N THR A 278 -12.80 13.11 7.35
CA THR A 278 -11.46 13.00 6.81
C THR A 278 -10.93 14.36 6.48
N TYR A 279 -11.76 15.14 5.79
CA TYR A 279 -11.45 16.50 5.43
C TYR A 279 -11.24 17.25 6.73
N ASN A 280 -12.24 17.24 7.60
CA ASN A 280 -12.09 17.94 8.87
C ASN A 280 -10.76 17.65 9.53
N SER A 281 -10.35 16.38 9.52
CA SER A 281 -9.11 15.90 10.16
C SER A 281 -7.87 16.44 9.51
N ILE A 282 -7.84 16.32 8.20
CA ILE A 282 -6.73 16.81 7.44
C ILE A 282 -6.54 18.28 7.72
N MET A 283 -7.64 18.98 7.95
CA MET A 283 -7.59 20.42 8.12
C MET A 283 -7.20 20.78 9.53
N LYS A 284 -7.03 19.77 10.37
CA LYS A 284 -6.63 20.00 11.74
C LYS A 284 -5.13 19.92 11.83
N CYS A 285 -4.52 19.39 10.78
CA CYS A 285 -3.07 19.24 10.74
C CYS A 285 -2.38 20.43 10.09
N ASP A 286 -1.10 20.63 10.40
CA ASP A 286 -0.33 21.71 9.81
C ASP A 286 -0.60 21.81 8.31
N ILE A 287 -0.72 23.03 7.80
CA ILE A 287 -0.98 23.24 6.37
C ILE A 287 0.14 22.64 5.55
N ASP A 288 1.27 22.39 6.19
CA ASP A 288 2.42 21.87 5.50
C ASP A 288 2.22 20.45 5.00
N ILE A 289 1.86 19.54 5.90
CA ILE A 289 1.74 18.14 5.57
C ILE A 289 0.41 17.75 4.94
N ARG A 290 -0.49 18.69 4.74
CA ARG A 290 -1.77 18.37 4.16
C ARG A 290 -1.67 17.75 2.74
N LYS A 291 -0.68 18.13 1.96
CA LYS A 291 -0.52 17.56 0.63
C LYS A 291 -0.23 16.11 0.77
N ASP A 292 0.75 15.82 1.60
CA ASP A 292 1.14 14.45 1.85
C ASP A 292 -0.04 13.66 2.33
N LEU A 293 -0.82 14.24 3.21
CA LEU A 293 -1.98 13.53 3.69
C LEU A 293 -2.92 13.12 2.54
N TYR A 294 -3.30 14.06 1.68
CA TYR A 294 -4.22 13.78 0.57
C TYR A 294 -3.70 12.71 -0.39
N ALA A 295 -2.38 12.62 -0.53
CA ALA A 295 -1.79 11.62 -1.41
C ALA A 295 -1.65 10.27 -0.76
N ASN A 296 -1.93 10.21 0.52
CA ASN A 296 -1.73 8.97 1.21
C ASN A 296 -2.88 8.59 2.12
N ASN A 297 -4.03 8.44 1.49
CA ASN A 297 -5.22 7.94 2.16
C ASN A 297 -5.16 6.46 2.16
N VAL A 298 -4.88 5.87 3.30
CA VAL A 298 -4.74 4.44 3.38
C VAL A 298 -5.91 3.86 4.10
N MET A 299 -6.65 3.00 3.41
CA MET A 299 -7.86 2.41 3.97
C MET A 299 -7.48 1.17 4.75
N SER A 300 -8.25 0.87 5.80
CA SER A 300 -8.02 -0.34 6.56
C SER A 300 -9.26 -0.74 7.34
N GLY A 301 -9.45 -2.04 7.53
CA GLY A 301 -10.60 -2.53 8.28
C GLY A 301 -11.65 -3.21 7.44
N GLY A 302 -12.38 -4.16 8.01
CA GLY A 302 -13.39 -4.87 7.26
C GLY A 302 -14.42 -4.00 6.56
N THR A 303 -14.86 -2.92 7.23
CA THR A 303 -15.85 -2.03 6.67
C THR A 303 -15.34 -1.17 5.51
N THR A 304 -14.04 -1.25 5.21
CA THR A 304 -13.57 -0.55 4.04
C THR A 304 -13.46 -1.50 2.88
N MET A 305 -14.13 -2.65 2.94
CA MET A 305 -14.00 -3.64 1.87
C MET A 305 -15.11 -3.55 0.85
N TYR A 306 -16.15 -2.77 1.11
CA TYR A 306 -17.26 -2.63 0.17
C TYR A 306 -16.75 -2.27 -1.25
N PRO A 307 -17.15 -3.01 -2.26
CA PRO A 307 -16.76 -2.65 -3.61
C PRO A 307 -17.22 -1.24 -3.86
N GLY A 308 -16.34 -0.37 -4.32
CA GLY A 308 -16.71 0.99 -4.67
C GLY A 308 -16.42 2.13 -3.71
N ILE A 309 -16.11 1.82 -2.44
CA ILE A 309 -15.90 2.85 -1.44
C ILE A 309 -14.66 3.68 -1.72
N ALA A 310 -13.63 3.05 -2.23
CA ALA A 310 -12.41 3.77 -2.52
C ALA A 310 -12.67 4.95 -3.46
N ASP A 311 -13.21 4.65 -4.63
CA ASP A 311 -13.53 5.67 -5.64
C ASP A 311 -14.44 6.72 -5.06
N ARG A 312 -15.44 6.30 -4.34
CA ARG A 312 -16.39 7.23 -3.78
C ARG A 312 -15.65 8.13 -2.85
N MET A 313 -14.83 7.53 -2.00
CA MET A 313 -14.06 8.30 -1.07
C MET A 313 -13.21 9.32 -1.82
N GLN A 314 -12.73 8.93 -2.99
CA GLN A 314 -11.93 9.85 -3.77
C GLN A 314 -12.79 11.00 -4.27
N LYS A 315 -13.93 10.68 -4.87
CA LYS A 315 -14.86 11.71 -5.37
C LYS A 315 -15.12 12.79 -4.33
N GLU A 316 -15.73 12.38 -3.24
CA GLU A 316 -16.08 13.28 -2.16
C GLU A 316 -14.92 14.15 -1.67
N ILE A 317 -13.78 13.57 -1.33
CA ILE A 317 -12.68 14.39 -0.83
C ILE A 317 -12.20 15.36 -1.89
N THR A 318 -12.28 14.95 -3.14
CA THR A 318 -11.80 15.77 -4.25
C THR A 318 -12.57 17.05 -4.34
N ALA A 319 -13.77 17.03 -3.77
CA ALA A 319 -14.69 18.13 -3.82
C ALA A 319 -14.61 18.96 -2.59
N LEU A 320 -13.89 18.48 -1.59
CA LEU A 320 -13.73 19.27 -0.40
C LEU A 320 -12.35 19.88 -0.43
N ALA A 321 -11.40 19.11 -0.94
CA ALA A 321 -10.04 19.56 -0.99
C ALA A 321 -9.96 20.69 -1.96
N PRO A 322 -8.89 21.47 -1.89
CA PRO A 322 -8.65 22.53 -2.85
C PRO A 322 -8.51 21.99 -4.27
N SER A 323 -9.07 22.76 -5.19
CA SER A 323 -9.09 22.46 -6.62
C SER A 323 -7.87 21.72 -7.12
N THR A 324 -6.70 22.04 -6.60
CA THR A 324 -5.47 21.43 -7.11
C THR A 324 -5.07 20.09 -6.48
N MET A 325 -5.09 20.00 -5.15
CA MET A 325 -4.69 18.79 -4.43
C MET A 325 -4.76 17.52 -5.23
N LYS A 326 -3.71 16.73 -5.13
CA LYS A 326 -3.75 15.42 -5.74
C LYS A 326 -4.31 14.48 -4.69
N ILE A 327 -5.41 13.79 -4.98
CA ILE A 327 -6.00 12.87 -4.03
C ILE A 327 -5.63 11.46 -4.41
N LYS A 328 -5.23 10.66 -3.43
CA LYS A 328 -4.89 9.26 -3.66
C LYS A 328 -5.51 8.40 -2.57
N ILE A 329 -6.25 7.36 -2.96
CA ILE A 329 -6.78 6.42 -1.98
C ILE A 329 -6.19 5.02 -2.11
N ILE A 330 -5.26 4.66 -1.24
CA ILE A 330 -4.69 3.33 -1.23
C ILE A 330 -5.65 2.33 -0.58
N ALA A 331 -5.97 1.25 -1.28
CA ALA A 331 -6.90 0.24 -0.76
C ALA A 331 -6.39 -1.18 -0.79
N PRO A 332 -5.36 -1.49 -0.04
CA PRO A 332 -4.88 -2.87 0.08
C PRO A 332 -5.93 -3.99 0.17
N PRO A 333 -5.88 -4.92 -0.77
CA PRO A 333 -6.65 -6.17 -0.75
C PRO A 333 -6.65 -6.90 0.57
N GLU A 334 -5.51 -6.86 1.21
CA GLU A 334 -5.28 -7.52 2.49
C GLU A 334 -5.80 -6.70 3.64
N ARG A 335 -6.46 -5.58 3.35
CA ARG A 335 -6.79 -4.61 4.38
C ARG A 335 -7.59 -5.11 5.59
N LYS A 336 -8.16 -6.31 5.52
CA LYS A 336 -8.87 -6.82 6.68
C LYS A 336 -7.85 -7.12 7.77
N TYR A 337 -6.58 -7.19 7.41
CA TYR A 337 -5.56 -7.56 8.37
C TYR A 337 -4.30 -6.65 8.43
N SER A 338 -4.39 -5.45 7.82
CA SER A 338 -3.31 -4.48 7.88
C SER A 338 -2.79 -4.45 9.31
N VAL A 339 -3.63 -3.99 10.23
CA VAL A 339 -3.22 -3.88 11.62
C VAL A 339 -2.45 -5.10 12.10
N TRP A 340 -3.01 -6.28 11.89
CA TRP A 340 -2.32 -7.44 12.38
C TRP A 340 -1.00 -7.62 11.63
N ILE A 341 -1.02 -7.47 10.31
CA ILE A 341 0.20 -7.69 9.51
C ILE A 341 1.37 -6.84 9.92
N GLY A 342 1.09 -5.55 10.03
CA GLY A 342 2.07 -4.56 10.42
C GLY A 342 2.61 -4.85 11.79
N GLY A 343 1.71 -5.16 12.70
CA GLY A 343 2.10 -5.57 14.04
C GLY A 343 3.02 -6.77 13.98
N SER A 344 2.71 -7.75 13.14
CA SER A 344 3.55 -8.94 13.00
C SER A 344 4.91 -8.57 12.54
N ILE A 345 4.97 -7.77 11.50
CA ILE A 345 6.23 -7.31 10.96
C ILE A 345 7.02 -6.46 11.94
N LEU A 346 6.34 -5.58 12.66
CA LEU A 346 6.99 -4.71 13.63
C LEU A 346 7.63 -5.52 14.74
N ALA A 347 6.98 -6.62 15.14
CA ALA A 347 7.49 -7.42 16.23
C ALA A 347 8.56 -8.40 15.79
N SER A 348 8.69 -8.61 14.50
CA SER A 348 9.69 -9.50 13.96
C SER A 348 11.01 -8.78 13.79
N LEU A 349 10.95 -7.46 13.69
CA LEU A 349 12.15 -6.69 13.55
C LEU A 349 13.05 -6.91 14.76
N SER A 350 14.36 -7.02 14.49
CA SER A 350 15.32 -7.21 15.57
C SER A 350 15.31 -6.02 16.49
N THR A 351 14.93 -4.86 15.97
CA THR A 351 14.92 -3.66 16.79
C THR A 351 13.86 -3.65 17.90
N PHE A 352 12.92 -4.56 17.85
CA PHE A 352 11.88 -4.58 18.87
C PHE A 352 12.42 -5.08 20.19
N GLN A 353 13.18 -6.16 20.12
CA GLN A 353 13.82 -6.74 21.28
C GLN A 353 14.06 -5.66 22.31
N GLN A 354 14.58 -4.52 21.88
CA GLN A 354 14.95 -3.44 22.80
C GLN A 354 13.76 -2.59 23.20
N MET A 355 12.77 -2.53 22.33
CA MET A 355 11.59 -1.73 22.57
C MET A 355 10.60 -2.35 23.51
N TRP A 356 10.72 -3.64 23.77
CA TRP A 356 9.81 -4.35 24.65
C TRP A 356 9.71 -3.72 26.03
N ILE A 357 8.64 -4.04 26.73
CA ILE A 357 8.55 -3.74 28.14
C ILE A 357 8.78 -5.09 28.77
N THR A 358 9.93 -5.23 29.42
CA THR A 358 10.28 -6.47 30.11
C THR A 358 9.56 -6.48 31.44
N LYS A 359 9.36 -7.66 31.99
CA LYS A 359 8.72 -7.80 33.29
C LYS A 359 9.54 -7.16 34.38
N GLN A 360 10.86 -7.33 34.32
CA GLN A 360 11.74 -6.68 35.28
C GLN A 360 11.35 -5.23 35.36
N GLU A 361 11.27 -4.59 34.20
CA GLU A 361 10.91 -3.17 34.13
C GLU A 361 9.54 -2.93 34.75
N TYR A 362 8.60 -3.81 34.45
CA TYR A 362 7.25 -3.65 34.98
C TYR A 362 7.26 -3.76 36.51
N ASP A 363 8.04 -4.69 37.03
CA ASP A 363 8.13 -4.87 38.49
C ASP A 363 8.66 -3.61 39.19
N GLU A 364 9.61 -2.92 38.56
CA GLU A 364 10.21 -1.72 39.14
C GLU A 364 9.31 -0.52 39.01
N ALA A 365 8.92 -0.21 37.76
CA ALA A 365 8.12 0.97 37.45
C ALA A 365 6.60 0.80 37.56
N GLY A 366 6.08 -0.42 37.33
CA GLY A 366 4.64 -0.64 37.36
C GLY A 366 3.98 -0.30 36.03
N PRO A 367 2.64 -0.35 35.97
CA PRO A 367 1.90 -0.03 34.75
C PRO A 367 2.33 1.23 34.05
N SER A 368 2.46 2.33 34.78
CA SER A 368 2.91 3.59 34.19
C SER A 368 3.89 3.40 33.02
N ILE A 369 4.87 2.54 33.21
CA ILE A 369 5.91 2.38 32.22
C ILE A 369 5.40 2.35 30.77
N VAL A 370 4.15 1.95 30.57
CA VAL A 370 3.62 1.83 29.24
C VAL A 370 3.55 3.18 28.50
N HIS A 371 3.31 4.25 29.24
CA HIS A 371 3.23 5.59 28.65
C HIS A 371 4.58 6.07 28.10
N ARG A 372 5.67 5.77 28.77
CA ARG A 372 6.99 6.21 28.30
C ARG A 372 7.66 5.18 27.38
N LYS A 373 7.33 3.91 27.55
CA LYS A 373 7.93 2.83 26.78
C LYS A 373 7.30 2.63 25.42
N CYS A 374 6.01 2.87 25.30
CA CYS A 374 5.33 2.62 24.03
C CYS A 374 5.13 3.87 23.16
N PHE A 375 4.17 4.72 23.52
CA PHE A 375 3.96 5.95 22.74
C PHE A 375 4.08 5.68 21.24
N MET B 1 15.69 23.29 2.29
CA MET B 1 17.08 22.76 2.08
C MET B 1 17.28 22.19 0.68
N ASP B 2 18.53 22.11 0.25
CA ASP B 2 18.95 21.30 -0.91
C ASP B 2 20.35 21.67 -1.39
N ASP B 3 21.24 20.66 -1.35
CA ASP B 3 22.65 20.85 -1.61
C ASP B 3 23.14 19.96 -2.74
N ASP B 4 24.45 19.75 -2.81
CA ASP B 4 25.09 18.95 -3.86
C ASP B 4 24.68 17.51 -3.83
N GLY B 5 25.08 16.84 -2.75
CA GLY B 5 24.89 15.42 -2.57
C GLY B 5 26.25 14.90 -2.16
N THR B 6 27.21 15.80 -2.24
CA THR B 6 28.59 15.53 -1.92
C THR B 6 28.78 15.20 -0.45
N GLY B 7 27.70 15.37 0.32
CA GLY B 7 27.72 15.14 1.76
C GLY B 7 27.97 13.73 2.23
N GLN B 8 28.03 13.59 3.55
CA GLN B 8 28.29 12.30 4.16
C GLN B 8 27.01 11.51 4.20
N LYS B 9 27.04 10.24 3.83
CA LYS B 9 25.82 9.46 3.82
C LYS B 9 25.98 8.04 4.33
N GLN B 10 24.94 7.47 4.90
CA GLN B 10 24.98 6.10 5.39
C GLN B 10 23.87 5.28 4.75
N ILE B 11 24.21 4.19 4.08
CA ILE B 11 23.19 3.37 3.40
C ILE B 11 23.04 1.99 4.01
N TRP B 12 21.80 1.64 4.29
CA TRP B 12 21.47 0.33 4.84
C TRP B 12 20.61 -0.41 3.82
N ARG B 13 20.29 -1.66 4.11
CA ARG B 13 19.50 -2.48 3.20
C ARG B 13 18.75 -3.58 3.97
N ILE B 14 17.51 -3.27 4.35
CA ILE B 14 16.65 -4.18 5.08
C ILE B 14 16.74 -5.52 4.44
N GLU B 15 17.36 -6.47 5.12
CA GLU B 15 17.52 -7.79 4.53
C GLU B 15 16.49 -8.76 5.00
N GLY B 16 16.59 -9.18 6.25
CA GLY B 16 15.66 -10.16 6.75
C GLY B 16 14.77 -9.58 7.80
N SER B 17 15.38 -9.20 8.92
CA SER B 17 14.69 -8.62 10.05
C SER B 17 15.62 -7.64 10.71
N ASN B 18 16.51 -7.09 9.90
CA ASN B 18 17.57 -6.21 10.35
C ASN B 18 17.97 -5.28 9.20
N LYS B 19 18.39 -4.06 9.50
CA LYS B 19 18.87 -3.17 8.45
C LYS B 19 20.41 -3.33 8.39
N VAL B 20 20.89 -4.17 7.46
CA VAL B 20 22.34 -4.43 7.31
C VAL B 20 23.07 -3.50 6.30
N PRO B 21 24.07 -2.77 6.78
CA PRO B 21 24.96 -1.96 5.94
C PRO B 21 25.40 -2.52 4.58
N VAL B 22 25.59 -1.54 3.71
CA VAL B 22 25.92 -1.79 2.33
C VAL B 22 27.31 -1.29 2.01
N ASP B 23 28.17 -2.20 1.59
CA ASP B 23 29.50 -1.82 1.19
C ASP B 23 29.57 -0.41 0.54
N PRO B 24 30.15 0.55 1.27
CA PRO B 24 30.40 1.93 0.83
C PRO B 24 30.98 2.13 -0.56
N ALA B 25 31.63 1.12 -1.09
CA ALA B 25 32.21 1.25 -2.40
C ALA B 25 31.16 0.95 -3.49
N THR B 26 29.98 0.48 -3.07
CA THR B 26 28.95 0.13 -4.02
C THR B 26 27.73 0.96 -3.79
N TYR B 27 27.84 1.93 -2.90
CA TYR B 27 26.72 2.76 -2.60
C TYR B 27 25.81 2.94 -3.82
N GLY B 28 26.36 3.46 -4.89
CA GLY B 28 25.55 3.65 -6.07
C GLY B 28 24.60 2.51 -6.43
N GLN B 29 25.05 1.26 -6.34
CA GLN B 29 24.23 0.15 -6.80
C GLN B 29 23.19 -0.26 -5.78
N PHE B 30 22.07 -0.75 -6.29
CA PHE B 30 20.94 -1.19 -5.49
C PHE B 30 20.34 -2.42 -6.16
N TYR B 31 19.68 -3.24 -5.34
CA TYR B 31 18.97 -4.42 -5.81
C TYR B 31 17.48 -4.08 -5.92
N GLY B 32 17.00 -3.94 -7.14
CA GLY B 32 15.62 -3.60 -7.36
C GLY B 32 14.64 -4.51 -6.66
N GLY B 33 15.14 -5.57 -6.02
CA GLY B 33 14.26 -6.49 -5.33
C GLY B 33 14.38 -6.40 -3.82
N ASP B 34 14.83 -5.25 -3.33
CA ASP B 34 14.94 -5.07 -1.88
C ASP B 34 14.60 -3.63 -1.49
N SER B 35 14.67 -3.31 -0.20
CA SER B 35 14.40 -1.95 0.23
C SER B 35 15.57 -1.41 1.02
N TYR B 36 15.90 -0.16 0.80
CA TYR B 36 17.03 0.43 1.46
C TYR B 36 16.64 1.60 2.34
N ILE B 37 17.58 2.03 3.14
CA ILE B 37 17.37 3.18 3.97
C ILE B 37 18.65 3.91 3.80
N ILE B 38 18.57 5.22 3.61
CA ILE B 38 19.75 6.01 3.47
C ILE B 38 19.70 7.30 4.26
N LEU B 39 20.71 7.47 5.10
CA LEU B 39 20.89 8.63 5.95
C LEU B 39 21.92 9.58 5.30
N TYR B 40 21.49 10.80 4.99
CA TYR B 40 22.35 11.75 4.32
C TYR B 40 22.39 13.04 5.12
N ASN B 41 23.58 13.59 5.36
CA ASN B 41 23.72 14.84 6.10
C ASN B 41 24.04 15.96 5.14
N TYR B 42 23.13 16.89 5.00
CA TYR B 42 23.33 18.01 4.09
C TYR B 42 24.68 18.67 4.34
N ARG B 43 24.93 19.79 3.68
CA ARG B 43 26.18 20.52 3.83
C ARG B 43 25.93 21.90 4.36
N HIS B 44 25.25 22.03 5.50
CA HIS B 44 25.01 23.35 6.11
C HIS B 44 24.87 23.30 7.64
N GLY B 49 20.23 20.12 8.31
CA GLY B 49 19.90 18.95 9.10
C GLY B 49 20.24 17.70 8.32
N GLN B 50 19.45 16.65 8.52
CA GLN B 50 19.66 15.41 7.79
C GLN B 50 18.32 14.99 7.17
N ILE B 51 18.37 13.96 6.34
CA ILE B 51 17.21 13.43 5.68
C ILE B 51 17.41 11.95 5.46
N ILE B 52 16.33 11.19 5.54
CA ILE B 52 16.39 9.77 5.34
C ILE B 52 15.48 9.46 4.18
N TYR B 53 16.01 8.69 3.27
CA TYR B 53 15.30 8.27 2.10
C TYR B 53 14.96 6.82 2.32
N ASN B 54 13.68 6.48 2.23
CA ASN B 54 13.32 5.10 2.27
C ASN B 54 13.05 4.67 0.84
N TRP B 55 14.08 4.14 0.17
CA TRP B 55 13.98 3.68 -1.20
C TRP B 55 13.47 2.26 -1.22
N GLN B 56 12.32 2.06 -1.86
CA GLN B 56 11.66 0.77 -1.94
C GLN B 56 11.69 0.23 -3.34
N GLY B 57 12.60 -0.69 -3.58
CA GLY B 57 12.74 -1.28 -4.91
C GLY B 57 11.44 -1.83 -5.43
N ALA B 58 11.31 -1.80 -6.76
CA ALA B 58 10.08 -2.19 -7.45
C ALA B 58 9.68 -3.63 -7.22
N GLN B 59 10.64 -4.48 -6.93
CA GLN B 59 10.31 -5.90 -6.79
C GLN B 59 10.52 -6.42 -5.35
N SER B 60 10.51 -5.52 -4.38
CA SER B 60 10.69 -5.87 -2.97
C SER B 60 9.34 -6.25 -2.37
N THR B 61 9.32 -7.27 -1.52
CA THR B 61 8.10 -7.73 -0.89
C THR B 61 7.61 -6.89 0.28
N GLN B 62 6.33 -7.02 0.61
CA GLN B 62 5.69 -6.24 1.67
C GLN B 62 6.45 -6.29 2.98
N ASP B 63 6.94 -7.49 3.29
CA ASP B 63 7.65 -7.71 4.53
C ASP B 63 8.87 -6.83 4.60
N GLU B 64 9.48 -6.58 3.45
CA GLU B 64 10.67 -5.75 3.39
C GLU B 64 10.23 -4.31 3.46
N VAL B 65 9.31 -3.98 2.56
CA VAL B 65 8.81 -2.62 2.46
C VAL B 65 8.28 -2.18 3.81
N ALA B 66 7.47 -3.04 4.41
CA ALA B 66 6.89 -2.73 5.69
C ALA B 66 8.03 -2.54 6.68
N ALA B 67 8.98 -3.44 6.62
CA ALA B 67 10.12 -3.38 7.53
C ALA B 67 10.86 -2.08 7.35
N SER B 68 11.17 -1.78 6.09
CA SER B 68 11.94 -0.61 5.73
C SER B 68 11.30 0.71 6.16
N ALA B 69 9.97 0.72 6.26
CA ALA B 69 9.27 1.93 6.64
C ALA B 69 9.37 2.11 8.13
N ILE B 70 9.20 1.02 8.87
CA ILE B 70 9.30 1.04 10.33
C ILE B 70 10.70 1.46 10.78
N LEU B 71 11.74 0.92 10.14
CA LEU B 71 13.12 1.23 10.53
C LEU B 71 13.51 2.66 10.17
N THR B 72 12.87 3.19 9.13
CA THR B 72 13.10 4.57 8.73
C THR B 72 12.60 5.47 9.86
N ALA B 73 11.46 5.10 10.42
CA ALA B 73 10.87 5.85 11.49
C ALA B 73 11.69 5.67 12.78
N GLN B 74 12.10 4.44 13.04
CA GLN B 74 12.86 4.16 14.24
C GLN B 74 14.19 4.88 14.18
N LEU B 75 14.79 4.98 12.99
CA LEU B 75 16.04 5.72 12.86
C LEU B 75 15.80 7.19 13.14
N ASP B 76 14.74 7.74 12.54
CA ASP B 76 14.36 9.13 12.75
C ASP B 76 14.19 9.40 14.25
N GLU B 77 13.58 8.47 14.98
CA GLU B 77 13.34 8.59 16.42
C GLU B 77 14.68 8.66 17.16
N GLU B 78 15.49 7.65 16.93
CA GLU B 78 16.83 7.49 17.48
C GLU B 78 17.70 8.73 17.34
N LEU B 79 17.56 9.45 16.24
CA LEU B 79 18.33 10.65 16.04
C LEU B 79 17.57 11.88 16.50
N GLY B 80 16.66 11.71 17.45
CA GLY B 80 15.92 12.84 18.00
C GLY B 80 14.80 13.34 17.13
N GLY B 81 14.56 12.66 16.02
CA GLY B 81 13.47 13.01 15.12
C GLY B 81 13.59 14.40 14.53
N THR B 82 14.82 14.80 14.22
CA THR B 82 15.06 16.09 13.59
C THR B 82 15.22 15.93 12.08
N PRO B 83 15.72 14.79 11.63
CA PRO B 83 15.88 14.54 10.21
C PRO B 83 14.52 14.44 9.53
N VAL B 84 14.51 14.59 8.21
CA VAL B 84 13.29 14.53 7.44
C VAL B 84 13.20 13.21 6.70
N GLN B 85 12.04 12.58 6.79
CA GLN B 85 11.81 11.33 6.09
C GLN B 85 11.33 11.61 4.68
N SER B 86 11.63 10.71 3.77
CA SER B 86 11.26 10.86 2.38
C SER B 86 11.21 9.50 1.72
N ARG B 87 10.00 9.04 1.47
CA ARG B 87 9.75 7.76 0.85
C ARG B 87 9.80 7.89 -0.66
N VAL B 88 10.66 7.10 -1.29
CA VAL B 88 10.80 7.14 -2.73
C VAL B 88 10.72 5.73 -3.27
N VAL B 89 9.90 5.52 -4.29
CA VAL B 89 9.74 4.19 -4.87
C VAL B 89 10.60 4.15 -6.11
N GLN B 90 11.00 2.95 -6.53
CA GLN B 90 11.91 2.83 -7.66
C GLN B 90 11.38 3.59 -8.85
N GLY B 91 12.28 4.33 -9.48
CA GLY B 91 11.96 5.04 -10.69
C GLY B 91 11.52 6.46 -10.45
N LYS B 92 11.09 6.74 -9.24
CA LYS B 92 10.60 8.07 -8.92
C LYS B 92 11.52 8.77 -7.95
N GLU B 93 12.82 8.52 -8.06
CA GLU B 93 13.78 9.15 -7.18
C GLU B 93 13.80 10.63 -7.45
N PRO B 94 13.87 11.43 -6.41
CA PRO B 94 13.96 12.87 -6.56
C PRO B 94 15.32 13.29 -7.08
N ALA B 95 15.37 14.45 -7.72
CA ALA B 95 16.62 14.96 -8.27
C ALA B 95 17.75 14.86 -7.26
N HIS B 96 17.50 15.29 -6.03
CA HIS B 96 18.53 15.27 -4.99
C HIS B 96 19.04 13.89 -4.65
N LEU B 97 18.16 13.00 -4.23
CA LEU B 97 18.59 11.64 -3.90
C LEU B 97 19.39 11.09 -5.06
N MET B 98 19.06 11.54 -6.26
CA MET B 98 19.72 11.04 -7.44
C MET B 98 21.18 11.49 -7.55
N SER B 99 21.52 12.54 -6.81
CA SER B 99 22.85 13.16 -6.87
C SER B 99 23.80 12.67 -5.80
N LEU B 100 23.35 11.76 -4.96
CA LEU B 100 24.18 11.26 -3.89
C LEU B 100 25.31 10.38 -4.40
N PHE B 101 25.62 10.48 -5.69
CA PHE B 101 26.66 9.59 -6.19
C PHE B 101 27.73 10.30 -7.04
N GLY B 102 28.06 11.53 -6.64
CA GLY B 102 29.10 12.32 -7.30
C GLY B 102 28.90 12.56 -8.80
N GLY B 103 27.86 11.94 -9.34
CA GLY B 103 27.57 12.03 -10.77
C GLY B 103 27.56 10.65 -11.42
N LYS B 104 27.94 9.63 -10.67
CA LYS B 104 27.92 8.27 -11.16
C LYS B 104 26.45 7.96 -11.33
N PRO B 105 26.11 6.96 -12.15
CA PRO B 105 24.72 6.62 -12.36
C PRO B 105 24.22 5.77 -11.23
N MET B 106 22.91 5.63 -11.12
CA MET B 106 22.30 4.78 -10.10
C MET B 106 22.05 3.42 -10.75
N ILE B 107 22.83 2.43 -10.37
CA ILE B 107 22.68 1.10 -10.95
C ILE B 107 21.70 0.25 -10.15
N ILE B 108 20.81 -0.47 -10.84
CA ILE B 108 19.80 -1.30 -10.18
C ILE B 108 19.79 -2.74 -10.68
N TYR B 109 20.34 -3.68 -9.92
CA TYR B 109 20.40 -5.06 -10.38
C TYR B 109 19.08 -5.82 -10.22
N LYS B 110 18.97 -6.95 -10.90
CA LYS B 110 17.84 -7.83 -10.73
C LYS B 110 18.05 -8.58 -9.43
N GLY B 111 16.97 -9.05 -8.81
CA GLY B 111 17.05 -9.81 -7.58
C GLY B 111 17.46 -9.04 -6.33
N GLY B 112 17.91 -9.80 -5.34
CA GLY B 112 18.31 -9.24 -4.06
C GLY B 112 18.16 -10.34 -3.05
N THR B 113 18.31 -10.04 -1.76
CA THR B 113 18.20 -11.08 -0.72
C THR B 113 16.77 -11.33 -0.34
N SER B 114 16.20 -12.41 -0.84
CA SER B 114 14.85 -12.80 -0.49
C SER B 114 14.96 -13.62 0.78
N ARG B 115 15.63 -13.04 1.75
CA ARG B 115 15.97 -13.67 3.01
C ARG B 115 15.71 -15.16 3.20
N GLU B 116 14.64 -15.69 2.64
CA GLU B 116 14.40 -17.13 2.78
C GLU B 116 14.80 -17.79 1.46
N GLY B 117 15.96 -17.34 0.98
CA GLY B 117 16.57 -17.76 -0.26
C GLY B 117 17.88 -17.01 -0.42
N GLY B 118 18.10 -16.04 0.47
CA GLY B 118 19.32 -15.26 0.48
C GLY B 118 19.59 -14.47 -0.79
N GLN B 119 20.78 -13.90 -0.86
CA GLN B 119 21.21 -13.14 -2.00
C GLN B 119 21.15 -14.02 -3.24
N THR B 120 20.50 -13.54 -4.29
CA THR B 120 20.43 -14.28 -5.54
C THR B 120 21.76 -14.17 -6.28
N ALA B 121 22.01 -15.10 -7.19
CA ALA B 121 23.25 -15.12 -7.97
C ALA B 121 23.16 -14.24 -9.21
N PRO B 122 24.10 -13.32 -9.38
CA PRO B 122 24.19 -12.46 -10.55
C PRO B 122 23.58 -12.91 -11.85
N ALA B 123 24.13 -13.88 -12.59
CA ALA B 123 23.50 -14.17 -13.87
C ALA B 123 24.11 -15.31 -14.64
N SER B 124 25.05 -14.97 -15.50
CA SER B 124 25.68 -15.91 -16.39
C SER B 124 26.04 -15.11 -17.62
N THR B 125 25.34 -13.99 -17.78
CA THR B 125 25.44 -13.13 -18.95
C THR B 125 24.24 -12.20 -18.82
N ARG B 126 24.49 -10.90 -18.72
CA ARG B 126 23.43 -9.93 -18.46
C ARG B 126 23.51 -8.62 -19.27
N LEU B 127 22.41 -7.86 -19.23
CA LEU B 127 22.29 -6.62 -20.00
C LEU B 127 21.63 -5.53 -19.15
N PHE B 128 21.98 -4.27 -19.44
CA PHE B 128 21.46 -3.13 -18.71
C PHE B 128 20.95 -2.07 -19.68
N GLN B 129 19.82 -1.46 -19.35
CA GLN B 129 19.28 -0.39 -20.14
C GLN B 129 19.67 0.90 -19.45
N VAL B 130 20.59 1.65 -20.01
CA VAL B 130 21.05 2.86 -19.35
C VAL B 130 20.38 4.09 -19.93
N ARG B 131 19.49 4.68 -19.15
CA ARG B 131 18.74 5.84 -19.59
C ARG B 131 18.91 6.98 -18.63
N ALA B 132 18.78 8.19 -19.15
CA ALA B 132 18.88 9.39 -18.36
C ALA B 132 17.77 10.34 -18.81
N ASN B 133 17.48 11.33 -17.99
CA ASN B 133 16.42 12.27 -18.28
C ASN B 133 16.92 13.68 -18.51
N SER B 134 16.00 14.61 -18.64
CA SER B 134 16.34 15.99 -18.90
C SER B 134 17.53 16.47 -18.09
N ALA B 135 17.44 16.33 -16.77
CA ALA B 135 18.44 16.88 -15.85
C ALA B 135 19.69 16.02 -15.72
N GLY B 136 19.87 15.09 -16.63
CA GLY B 136 21.09 14.30 -16.65
C GLY B 136 21.02 13.09 -15.75
N ALA B 137 20.06 13.08 -14.85
CA ALA B 137 19.93 11.95 -13.96
C ALA B 137 19.96 10.65 -14.77
N THR B 138 20.82 9.73 -14.40
CA THR B 138 20.99 8.51 -15.16
C THR B 138 20.65 7.27 -14.36
N ARG B 139 20.11 6.27 -15.05
CA ARG B 139 19.78 5.03 -14.41
C ARG B 139 20.23 3.88 -15.30
N ALA B 140 20.64 2.79 -14.68
CA ALA B 140 21.10 1.62 -15.35
C ALA B 140 20.33 0.52 -14.72
N VAL B 141 19.29 0.07 -15.42
CA VAL B 141 18.39 -0.96 -14.92
C VAL B 141 18.72 -2.26 -15.60
N GLU B 142 18.85 -3.32 -14.83
CA GLU B 142 19.19 -4.60 -15.40
C GLU B 142 17.96 -5.20 -16.04
N VAL B 143 18.10 -5.69 -17.26
CA VAL B 143 17.01 -6.34 -18.00
C VAL B 143 17.48 -7.67 -18.55
N LEU B 144 16.54 -8.54 -18.91
CA LEU B 144 16.89 -9.81 -19.51
C LEU B 144 17.74 -9.61 -20.76
N PRO B 145 18.76 -10.43 -20.94
CA PRO B 145 19.66 -10.31 -22.08
C PRO B 145 19.04 -10.83 -23.38
N LYS B 146 18.11 -10.06 -23.92
CA LYS B 146 17.40 -10.43 -25.14
C LYS B 146 17.53 -9.28 -26.14
N ALA B 147 17.52 -9.65 -27.41
CA ALA B 147 17.61 -8.64 -28.45
C ALA B 147 16.43 -7.72 -28.31
N GLY B 148 15.24 -8.31 -28.26
CA GLY B 148 14.01 -7.54 -28.17
C GLY B 148 13.93 -6.52 -27.06
N ALA B 149 15.02 -6.36 -26.30
CA ALA B 149 15.02 -5.47 -25.15
C ALA B 149 15.72 -4.16 -25.42
N LEU B 150 16.39 -4.04 -26.55
CA LEU B 150 17.13 -2.83 -26.87
C LEU B 150 16.23 -1.68 -27.34
N ASN B 151 16.74 -0.47 -27.16
CA ASN B 151 15.98 0.73 -27.43
C ASN B 151 16.87 1.76 -28.07
N SER B 152 16.60 2.06 -29.32
CA SER B 152 17.40 3.00 -30.08
C SER B 152 17.64 4.33 -29.37
N ASN B 153 16.90 4.59 -28.29
CA ASN B 153 17.03 5.87 -27.59
C ASN B 153 17.95 5.84 -26.38
N ASP B 154 18.45 4.66 -26.06
CA ASP B 154 19.33 4.56 -24.92
C ASP B 154 20.63 3.82 -25.24
N ALA B 155 21.46 3.68 -24.21
CA ALA B 155 22.71 2.98 -24.29
C ALA B 155 22.59 1.77 -23.41
N PHE B 156 23.11 0.64 -23.85
CA PHE B 156 23.01 -0.60 -23.11
C PHE B 156 24.39 -1.18 -22.85
N VAL B 157 24.49 -2.06 -21.85
CA VAL B 157 25.74 -2.72 -21.53
C VAL B 157 25.45 -4.22 -21.44
N LEU B 158 26.22 -5.01 -22.16
CA LEU B 158 26.05 -6.45 -22.24
C LEU B 158 27.27 -7.20 -21.72
N LYS B 159 27.27 -7.57 -20.44
CA LYS B 159 28.40 -8.33 -19.90
C LYS B 159 28.11 -9.81 -20.01
N THR B 160 29.02 -10.53 -20.65
CA THR B 160 28.85 -11.97 -20.88
C THR B 160 30.12 -12.79 -20.75
N PRO B 161 30.64 -12.96 -19.54
CA PRO B 161 31.72 -13.91 -19.31
C PRO B 161 31.76 -14.95 -20.38
N SER B 162 32.49 -14.50 -21.40
CA SER B 162 32.74 -15.13 -22.66
C SER B 162 33.22 -13.88 -23.40
N ALA B 163 32.49 -12.77 -23.17
CA ALA B 163 32.78 -11.47 -23.78
C ALA B 163 32.04 -10.33 -23.05
N ALA B 164 31.73 -9.24 -23.76
CA ALA B 164 31.02 -8.09 -23.19
C ALA B 164 31.05 -6.87 -24.12
N TYR B 165 29.96 -6.12 -24.18
CA TYR B 165 29.86 -4.94 -25.09
C TYR B 165 29.17 -3.71 -24.50
N LEU B 166 29.30 -2.57 -25.17
CA LEU B 166 28.66 -1.30 -24.77
C LEU B 166 27.90 -0.71 -25.96
N TRP B 167 26.78 -1.34 -26.30
CA TRP B 167 25.90 -0.92 -27.38
C TRP B 167 25.35 0.48 -27.13
N VAL B 168 25.44 1.35 -28.12
CA VAL B 168 24.93 2.70 -27.97
C VAL B 168 23.93 3.04 -29.08
N GLY B 169 22.69 3.30 -28.67
CA GLY B 169 21.62 3.59 -29.61
C GLY B 169 21.78 4.91 -30.33
N THR B 170 21.10 5.04 -31.46
CA THR B 170 21.16 6.25 -32.27
C THR B 170 20.92 7.49 -31.44
N GLY B 171 19.76 7.52 -30.79
CA GLY B 171 19.33 8.65 -29.98
C GLY B 171 20.00 8.75 -28.62
N ALA B 172 20.82 7.78 -28.25
CA ALA B 172 21.50 7.80 -26.97
C ALA B 172 22.23 9.13 -26.74
N SER B 173 22.03 9.74 -25.58
CA SER B 173 22.66 11.00 -25.25
C SER B 173 23.97 10.76 -24.52
N GLU B 174 24.74 11.83 -24.33
CA GLU B 174 26.03 11.74 -23.66
C GLU B 174 25.85 11.11 -22.29
N ALA B 175 24.96 11.71 -21.50
CA ALA B 175 24.73 11.25 -20.13
C ALA B 175 24.65 9.73 -20.08
N GLU B 176 23.90 9.15 -21.00
CA GLU B 176 23.74 7.71 -21.06
C GLU B 176 25.00 7.07 -21.57
N LYS B 177 25.74 7.79 -22.39
CA LYS B 177 27.00 7.25 -22.90
C LYS B 177 27.91 7.12 -21.68
N THR B 178 28.10 8.23 -21.00
CA THR B 178 28.94 8.28 -19.81
C THR B 178 28.56 7.21 -18.78
N GLY B 179 27.35 7.31 -18.23
CA GLY B 179 26.85 6.38 -17.22
C GLY B 179 26.91 4.93 -17.67
N ALA B 180 26.90 4.73 -18.98
CA ALA B 180 27.01 3.39 -19.53
C ALA B 180 28.38 2.84 -19.23
N GLN B 181 29.38 3.70 -19.32
CA GLN B 181 30.74 3.29 -19.04
C GLN B 181 30.86 3.10 -17.56
N GLU B 182 30.49 4.11 -16.78
CA GLU B 182 30.59 4.00 -15.34
C GLU B 182 30.10 2.65 -14.85
N LEU B 183 29.05 2.12 -15.48
CA LEU B 183 28.52 0.82 -15.06
C LEU B 183 29.49 -0.28 -15.41
N LEU B 184 30.21 -0.11 -16.52
CA LEU B 184 31.18 -1.13 -16.93
C LEU B 184 32.30 -1.21 -15.93
N ARG B 185 32.91 -0.08 -15.63
CA ARG B 185 33.97 -0.05 -14.64
C ARG B 185 33.42 -0.70 -13.39
N VAL B 186 32.43 -0.02 -12.79
CA VAL B 186 31.81 -0.44 -11.55
C VAL B 186 31.89 -1.93 -11.38
N LEU B 187 31.39 -2.70 -12.35
CA LEU B 187 31.44 -4.12 -12.09
C LEU B 187 32.41 -4.94 -12.91
N ARG B 188 33.01 -4.39 -13.94
CA ARG B 188 34.23 -5.06 -14.42
C ARG B 188 34.26 -5.67 -15.77
N ALA B 189 34.97 -5.00 -16.66
CA ALA B 189 35.22 -5.48 -18.00
C ALA B 189 35.34 -4.28 -18.90
N GLN B 190 36.00 -4.52 -20.02
CA GLN B 190 36.17 -3.52 -21.04
C GLN B 190 35.23 -3.91 -22.16
N PRO B 191 34.36 -2.98 -22.54
CA PRO B 191 33.51 -3.07 -23.73
C PRO B 191 34.08 -3.53 -25.04
N VAL B 192 33.37 -3.04 -26.06
CA VAL B 192 33.60 -3.26 -27.47
C VAL B 192 32.68 -2.23 -28.07
N GLN B 193 32.84 -0.99 -27.60
CA GLN B 193 32.04 0.12 -28.07
C GLN B 193 31.46 -0.17 -29.47
N VAL B 194 30.18 -0.53 -29.50
CA VAL B 194 29.49 -0.80 -30.74
C VAL B 194 28.30 0.14 -30.84
N ALA B 195 28.13 0.77 -32.00
CA ALA B 195 27.00 1.67 -32.22
C ALA B 195 25.85 0.90 -32.84
N GLU B 196 24.67 1.52 -32.86
CA GLU B 196 23.49 0.86 -33.41
C GLU B 196 23.51 0.90 -34.93
N GLY B 197 23.07 -0.17 -35.55
CA GLY B 197 22.99 -0.25 -37.00
C GLY B 197 24.29 -0.65 -37.66
N SER B 198 25.23 -1.11 -36.85
CA SER B 198 26.53 -1.54 -37.35
C SER B 198 27.23 -2.40 -36.31
N GLU B 199 26.52 -3.45 -35.88
CA GLU B 199 27.00 -4.32 -34.81
C GLU B 199 27.48 -5.72 -35.25
N PRO B 200 28.64 -6.12 -34.73
CA PRO B 200 29.14 -7.49 -34.84
C PRO B 200 28.17 -8.64 -34.77
N ASP B 201 28.61 -9.77 -35.32
CA ASP B 201 27.84 -10.99 -35.35
C ASP B 201 27.85 -11.69 -34.00
N GLY B 202 28.70 -11.25 -33.09
CA GLY B 202 28.88 -11.94 -31.83
C GLY B 202 28.31 -11.17 -30.66
N PHE B 203 27.66 -10.06 -30.98
CA PHE B 203 26.97 -9.23 -30.01
C PHE B 203 25.58 -9.80 -30.04
N TRP B 204 25.14 -10.11 -31.25
CA TRP B 204 23.84 -10.69 -31.48
C TRP B 204 23.83 -12.10 -30.91
N GLU B 205 25.01 -12.66 -30.71
CA GLU B 205 25.13 -14.00 -30.14
C GLU B 205 24.99 -13.99 -28.63
N ALA B 206 25.50 -12.95 -27.98
CA ALA B 206 25.38 -12.84 -26.54
C ALA B 206 23.92 -12.92 -26.15
N LEU B 207 23.08 -12.29 -26.97
CA LEU B 207 21.65 -12.23 -26.78
C LEU B 207 20.99 -13.49 -27.30
N GLY B 208 21.76 -14.28 -28.05
CA GLY B 208 21.32 -15.55 -28.59
C GLY B 208 20.01 -15.59 -29.37
N GLY B 209 19.78 -14.68 -30.30
CA GLY B 209 18.49 -14.76 -30.96
C GLY B 209 18.08 -14.22 -32.31
N LYS B 210 18.61 -13.09 -32.78
CA LYS B 210 18.11 -12.54 -34.06
C LYS B 210 18.00 -11.03 -34.07
N ALA B 211 17.20 -10.51 -33.13
CA ALA B 211 16.94 -9.09 -33.04
C ALA B 211 15.52 -8.79 -33.44
N ALA B 212 15.25 -7.49 -33.60
CA ALA B 212 13.92 -6.95 -33.83
C ALA B 212 13.55 -6.46 -32.45
N TYR B 213 13.90 -5.21 -32.19
CA TYR B 213 13.80 -4.62 -30.86
C TYR B 213 12.87 -3.43 -30.79
N ARG B 214 13.02 -2.66 -29.71
CA ARG B 214 12.20 -1.47 -29.49
C ARG B 214 12.77 -0.28 -30.22
N THR B 215 12.16 0.09 -31.33
CA THR B 215 12.68 1.21 -32.10
C THR B 215 11.62 1.97 -32.91
N SER B 216 11.91 3.22 -33.24
CA SER B 216 10.99 4.06 -33.97
C SER B 216 11.64 5.39 -34.26
N PRO B 217 11.26 6.03 -35.37
CA PRO B 217 11.86 7.28 -35.78
C PRO B 217 11.93 8.31 -34.66
N ARG B 218 11.03 8.21 -33.70
CA ARG B 218 11.07 9.12 -32.57
C ARG B 218 12.12 8.62 -31.59
N LEU B 219 12.13 7.32 -31.32
CA LEU B 219 13.12 6.77 -30.40
C LEU B 219 14.53 7.03 -30.88
N LYS B 220 14.72 7.04 -32.20
CA LYS B 220 16.04 7.24 -32.78
C LYS B 220 16.41 8.72 -32.90
N ASP B 221 15.52 9.59 -32.48
CA ASP B 221 15.81 11.01 -32.60
C ASP B 221 16.54 11.55 -31.36
N LYS B 222 17.79 11.97 -31.56
CA LYS B 222 18.61 12.49 -30.45
C LYS B 222 18.29 13.93 -30.10
N LYS B 223 17.12 14.39 -30.51
CA LYS B 223 16.70 15.76 -30.24
C LYS B 223 15.43 15.71 -29.42
N MET B 224 15.13 14.52 -28.91
CA MET B 224 13.98 14.30 -28.07
C MET B 224 14.02 15.25 -26.89
N ASP B 225 15.23 15.58 -26.48
CA ASP B 225 15.43 16.48 -25.37
C ASP B 225 14.96 17.87 -25.77
N ALA B 226 13.72 17.92 -26.28
CA ALA B 226 13.07 19.16 -26.72
C ALA B 226 11.57 19.04 -26.43
N HIS B 227 11.01 17.90 -26.82
CA HIS B 227 9.61 17.54 -26.56
C HIS B 227 9.63 16.13 -26.00
N PRO B 228 9.95 16.00 -24.72
CA PRO B 228 10.01 14.67 -24.11
C PRO B 228 8.63 14.02 -24.13
N PRO B 229 8.58 12.72 -24.25
CA PRO B 229 7.31 11.98 -24.26
C PRO B 229 6.58 12.15 -22.95
N ARG B 230 5.26 12.15 -22.96
CA ARG B 230 4.52 12.36 -21.73
C ARG B 230 3.41 11.33 -21.56
N LEU B 231 3.22 10.91 -20.32
CA LEU B 231 2.24 9.88 -20.02
C LEU B 231 1.09 10.45 -19.22
N PHE B 232 -0.13 10.19 -19.65
CA PHE B 232 -1.29 10.75 -18.99
C PHE B 232 -2.19 9.65 -18.49
N ALA B 233 -2.84 9.88 -17.35
CA ALA B 233 -3.77 8.92 -16.82
C ALA B 233 -5.15 9.52 -17.02
N CYS B 234 -5.99 8.77 -17.73
CA CYS B 234 -7.35 9.18 -18.04
C CYS B 234 -8.35 8.20 -17.44
N SER B 235 -9.02 8.67 -16.40
CA SER B 235 -9.98 7.87 -15.66
C SER B 235 -11.23 8.69 -15.42
N ASN B 236 -12.36 8.00 -15.33
CA ASN B 236 -13.63 8.61 -15.00
C ASN B 236 -14.16 8.01 -13.72
N LYS B 237 -13.23 7.53 -12.90
CA LYS B 237 -13.54 6.82 -11.68
C LYS B 237 -14.24 7.66 -10.64
N ILE B 238 -14.08 8.98 -10.71
CA ILE B 238 -14.70 9.88 -9.74
C ILE B 238 -16.02 10.46 -10.21
N GLY B 239 -16.47 10.11 -11.41
CA GLY B 239 -17.72 10.64 -11.90
C GLY B 239 -17.63 11.66 -13.03
N ARG B 240 -16.43 12.20 -13.23
CA ARG B 240 -16.14 13.09 -14.33
C ARG B 240 -14.82 12.62 -14.97
N PHE B 241 -14.60 12.91 -16.24
CA PHE B 241 -13.38 12.51 -16.92
C PHE B 241 -12.32 13.49 -16.49
N VAL B 242 -11.13 13.00 -16.10
CA VAL B 242 -10.01 13.87 -15.72
C VAL B 242 -8.72 13.27 -16.25
N ILE B 243 -7.75 14.12 -16.55
CA ILE B 243 -6.45 13.68 -17.04
C ILE B 243 -5.34 14.20 -16.13
N GLU B 244 -4.51 13.28 -15.63
CA GLU B 244 -3.37 13.60 -14.77
C GLU B 244 -2.06 13.21 -15.44
N GLU B 245 -1.11 14.13 -15.52
CA GLU B 245 0.19 13.79 -16.08
C GLU B 245 0.93 12.88 -15.13
N VAL B 246 1.71 11.95 -15.68
CA VAL B 246 2.43 10.96 -14.90
C VAL B 246 3.84 11.38 -14.64
N PRO B 247 4.09 11.95 -13.48
CA PRO B 247 5.43 12.41 -13.14
C PRO B 247 6.39 11.29 -13.03
N GLY B 248 7.67 11.63 -12.90
CA GLY B 248 8.73 10.66 -12.76
C GLY B 248 8.99 10.00 -14.08
N GLU B 249 9.74 8.92 -14.07
CA GLU B 249 10.08 8.22 -15.30
C GLU B 249 9.09 7.13 -15.72
N LEU B 250 8.72 7.18 -16.99
CA LEU B 250 7.76 6.26 -17.51
C LEU B 250 8.10 4.82 -17.18
N MET B 251 7.28 4.20 -16.33
CA MET B 251 7.45 2.82 -15.97
C MET B 251 6.19 2.03 -16.19
N GLN B 252 6.39 0.75 -16.49
CA GLN B 252 5.31 -0.17 -16.71
C GLN B 252 4.27 -0.13 -15.60
N GLU B 253 4.69 0.29 -14.41
CA GLU B 253 3.77 0.36 -13.27
C GLU B 253 2.75 1.45 -13.51
N ASP B 254 3.26 2.59 -13.95
CA ASP B 254 2.46 3.78 -14.19
C ASP B 254 1.21 3.58 -15.04
N LEU B 255 1.11 2.47 -15.74
CA LEU B 255 -0.05 2.25 -16.59
C LEU B 255 -1.24 1.71 -15.79
N ALA B 256 -2.24 2.54 -15.59
CA ALA B 256 -3.39 2.13 -14.80
C ALA B 256 -4.22 1.06 -15.49
N THR B 257 -4.08 -0.16 -15.02
CA THR B 257 -4.81 -1.26 -15.56
C THR B 257 -6.32 -0.94 -15.60
N ASP B 258 -6.69 0.01 -14.74
CA ASP B 258 -8.06 0.47 -14.52
C ASP B 258 -8.58 1.46 -15.53
N ASP B 259 -7.70 2.19 -16.21
CA ASP B 259 -8.13 3.24 -17.09
C ASP B 259 -7.54 3.27 -18.50
N VAL B 260 -7.45 4.47 -19.07
CA VAL B 260 -6.88 4.62 -20.39
C VAL B 260 -5.72 5.59 -20.33
N MET B 261 -4.59 5.19 -20.90
CA MET B 261 -3.38 6.01 -20.84
C MET B 261 -3.11 6.74 -22.16
N LEU B 262 -2.48 7.91 -22.07
CA LEU B 262 -2.07 8.64 -23.25
C LEU B 262 -0.57 8.73 -23.24
N LEU B 263 0.08 8.17 -24.26
CA LEU B 263 1.53 8.28 -24.40
C LEU B 263 1.81 9.11 -25.63
N ASP B 264 2.00 10.40 -25.42
CA ASP B 264 2.21 11.36 -26.47
C ASP B 264 3.68 11.58 -26.73
N THR B 265 4.21 10.94 -27.78
CA THR B 265 5.61 11.08 -28.17
C THR B 265 5.73 12.12 -29.26
N TRP B 266 4.86 13.11 -29.15
CA TRP B 266 4.84 14.27 -30.03
C TRP B 266 4.57 13.97 -31.48
N ASP B 267 5.37 13.11 -32.09
CA ASP B 267 5.14 12.74 -33.47
C ASP B 267 4.05 11.67 -33.59
N GLN B 268 3.35 11.40 -32.49
CA GLN B 268 2.34 10.35 -32.46
C GLN B 268 1.76 10.25 -31.05
N VAL B 269 0.56 9.69 -30.92
CA VAL B 269 -0.05 9.56 -29.62
C VAL B 269 -0.65 8.19 -29.46
N PHE B 270 -0.10 7.43 -28.54
CA PHE B 270 -0.62 6.13 -28.21
C PHE B 270 -1.74 6.28 -27.18
N VAL B 271 -2.88 5.65 -27.45
CA VAL B 271 -3.94 5.62 -26.46
C VAL B 271 -3.95 4.18 -25.95
N TRP B 272 -3.51 4.02 -24.70
CA TRP B 272 -3.35 2.72 -24.07
C TRP B 272 -4.55 2.39 -23.19
N VAL B 273 -5.28 1.37 -23.60
CA VAL B 273 -6.50 1.00 -22.91
C VAL B 273 -6.21 -0.09 -21.90
N GLY B 274 -6.51 0.22 -20.63
CA GLY B 274 -6.32 -0.74 -19.57
C GLY B 274 -7.29 -1.87 -19.76
N LYS B 275 -6.91 -3.06 -19.31
CA LYS B 275 -7.75 -4.21 -19.52
C LYS B 275 -9.11 -3.98 -18.85
N ASP B 276 -9.12 -3.56 -17.60
CA ASP B 276 -10.37 -3.37 -16.87
C ASP B 276 -10.91 -1.98 -17.03
N SER B 277 -10.54 -1.32 -18.12
CA SER B 277 -10.97 0.06 -18.34
C SER B 277 -12.38 0.13 -18.81
N GLN B 278 -12.82 1.34 -19.12
CA GLN B 278 -14.21 1.56 -19.48
C GLN B 278 -14.26 2.19 -20.84
N GLU B 279 -15.23 1.78 -21.63
CA GLU B 279 -15.37 2.30 -22.98
C GLU B 279 -15.46 3.82 -22.99
N GLU B 280 -16.25 4.36 -22.07
CA GLU B 280 -16.43 5.80 -22.03
C GLU B 280 -15.08 6.45 -21.78
N GLU B 281 -14.20 5.74 -21.07
CA GLU B 281 -12.86 6.25 -20.76
C GLU B 281 -12.02 6.32 -22.05
N LYS B 282 -12.08 5.27 -22.82
CA LYS B 282 -11.34 5.21 -24.07
C LYS B 282 -11.82 6.29 -24.99
N THR B 283 -13.12 6.42 -25.10
CA THR B 283 -13.67 7.40 -26.00
C THR B 283 -13.14 8.77 -25.66
N GLU B 284 -13.34 9.19 -24.43
CA GLU B 284 -12.92 10.55 -24.08
C GLU B 284 -11.42 10.75 -24.19
N ALA B 285 -10.67 9.68 -24.04
CA ALA B 285 -9.24 9.77 -24.14
C ALA B 285 -8.94 10.16 -25.55
N LEU B 286 -9.60 9.50 -26.48
CA LEU B 286 -9.41 9.78 -27.89
C LEU B 286 -9.82 11.18 -28.22
N THR B 287 -11.01 11.55 -27.77
CA THR B 287 -11.54 12.88 -27.99
C THR B 287 -10.51 13.89 -27.57
N SER B 288 -9.83 13.61 -26.48
CA SER B 288 -8.83 14.52 -25.93
C SER B 288 -7.53 14.44 -26.73
N ALA B 289 -7.05 13.24 -26.99
CA ALA B 289 -5.83 13.09 -27.75
C ALA B 289 -5.94 13.91 -28.99
N LYS B 290 -7.11 13.86 -29.60
CA LYS B 290 -7.38 14.57 -30.85
C LYS B 290 -7.52 16.05 -30.63
N ARG B 291 -7.67 16.45 -29.38
CA ARG B 291 -7.83 17.87 -29.07
C ARG B 291 -6.55 18.45 -28.50
N TYR B 292 -5.70 17.62 -27.91
CA TYR B 292 -4.41 18.09 -27.43
C TYR B 292 -3.72 18.67 -28.65
N ILE B 293 -3.92 17.97 -29.77
CA ILE B 293 -3.44 18.43 -31.06
C ILE B 293 -4.54 19.37 -31.52
N GLU B 294 -4.31 20.14 -32.58
CA GLU B 294 -5.32 21.08 -33.07
C GLU B 294 -5.26 22.37 -32.26
N THR B 295 -5.09 22.23 -30.95
CA THR B 295 -4.83 23.37 -30.06
C THR B 295 -3.33 23.58 -30.19
N ASP B 296 -2.85 23.02 -31.30
CA ASP B 296 -1.46 22.88 -31.65
C ASP B 296 -0.64 24.15 -31.81
N PRO B 297 0.28 24.37 -30.89
CA PRO B 297 1.38 25.31 -31.12
C PRO B 297 1.91 25.26 -32.55
N ALA B 298 1.13 24.73 -33.51
CA ALA B 298 1.57 24.65 -34.91
C ALA B 298 3.01 24.17 -34.93
N ASN B 299 3.58 24.07 -33.73
CA ASN B 299 4.86 23.48 -33.51
C ASN B 299 4.44 22.01 -33.61
N ARG B 300 3.11 21.84 -33.55
CA ARG B 300 2.45 20.55 -33.59
C ARG B 300 2.33 20.01 -35.01
N ASP B 301 3.40 19.31 -35.37
CA ASP B 301 3.59 18.63 -36.65
C ASP B 301 2.39 18.07 -37.41
N ARG B 302 1.83 18.85 -38.32
CA ARG B 302 0.80 18.34 -39.23
C ARG B 302 -0.26 17.50 -38.53
N ARG B 303 -0.52 16.32 -39.11
CA ARG B 303 -1.55 15.42 -38.58
C ARG B 303 -1.02 14.12 -37.99
N THR B 304 -0.53 14.28 -36.78
CA THR B 304 -0.03 13.24 -35.94
C THR B 304 -0.95 12.05 -35.86
N PRO B 305 -0.41 10.88 -36.10
CA PRO B 305 -1.19 9.64 -35.99
C PRO B 305 -1.55 9.33 -34.54
N ILE B 306 -2.79 8.95 -34.35
CA ILE B 306 -3.26 8.46 -33.08
C ILE B 306 -3.37 6.96 -33.25
N THR B 307 -2.74 6.22 -32.34
CA THR B 307 -2.75 4.76 -32.37
C THR B 307 -3.31 4.20 -31.09
N VAL B 308 -3.97 3.05 -31.18
CA VAL B 308 -4.61 2.43 -30.05
C VAL B 308 -3.97 1.09 -29.70
N VAL B 309 -3.53 0.96 -28.47
CA VAL B 309 -2.93 -0.29 -28.05
C VAL B 309 -3.68 -0.85 -26.85
N LYS B 310 -3.90 -2.16 -26.87
CA LYS B 310 -4.56 -2.81 -25.79
C LYS B 310 -3.53 -3.37 -24.80
N GLN B 311 -3.92 -3.43 -23.52
CA GLN B 311 -3.07 -3.96 -22.45
C GLN B 311 -2.60 -5.36 -22.81
N GLY B 312 -1.30 -5.58 -22.75
CA GLY B 312 -0.73 -6.88 -23.00
C GLY B 312 -0.33 -7.07 -24.44
N PHE B 313 -0.67 -6.11 -25.27
CA PHE B 313 -0.37 -6.23 -26.69
C PHE B 313 0.30 -4.98 -27.22
N GLU B 314 1.07 -4.30 -26.35
CA GLU B 314 1.75 -3.09 -26.78
C GLU B 314 2.92 -3.41 -27.73
N PRO B 315 3.09 -2.60 -28.76
CA PRO B 315 4.16 -2.80 -29.74
C PRO B 315 5.47 -2.17 -29.27
N PRO B 316 6.57 -2.62 -29.85
CA PRO B 316 7.89 -2.12 -29.47
C PRO B 316 8.01 -0.62 -29.54
N SER B 317 7.40 0.04 -30.52
CA SER B 317 7.54 1.48 -30.58
C SER B 317 6.92 2.15 -29.36
N PHE B 318 6.17 1.39 -28.56
CA PHE B 318 5.51 1.92 -27.37
C PHE B 318 6.30 1.60 -26.13
N VAL B 319 6.68 0.34 -26.01
CA VAL B 319 7.39 -0.15 -24.84
C VAL B 319 8.77 0.40 -24.69
N GLY B 320 9.36 0.83 -25.80
CA GLY B 320 10.70 1.37 -25.77
C GLY B 320 10.79 2.66 -25.00
N TRP B 321 9.69 3.13 -24.43
CA TRP B 321 9.69 4.38 -23.70
C TRP B 321 9.63 4.17 -22.20
N PHE B 322 9.45 2.92 -21.80
CA PHE B 322 9.33 2.58 -20.40
C PHE B 322 10.63 1.97 -19.89
N LEU B 323 11.16 2.51 -18.81
CA LEU B 323 12.42 2.05 -18.23
C LEU B 323 12.35 0.62 -17.71
N GLY B 324 12.71 -0.32 -18.56
CA GLY B 324 12.66 -1.72 -18.20
C GLY B 324 11.23 -2.23 -18.18
N TRP B 325 10.85 -2.98 -19.22
CA TRP B 325 9.52 -3.54 -19.33
C TRP B 325 9.57 -4.95 -18.77
N ASP B 326 8.45 -5.67 -18.83
CA ASP B 326 8.39 -7.03 -18.31
C ASP B 326 7.22 -7.84 -18.87
N ASP B 327 7.36 -8.32 -20.11
CA ASP B 327 6.33 -9.11 -20.77
C ASP B 327 5.40 -9.77 -19.75
N ASP B 328 5.98 -10.43 -18.77
CA ASP B 328 5.21 -11.04 -17.69
C ASP B 328 5.17 -10.03 -16.58
N TYR B 329 4.02 -9.43 -16.36
CA TYR B 329 3.89 -8.41 -15.33
C TYR B 329 2.47 -8.34 -14.85
N TRP B 330 1.54 -8.34 -15.79
CA TRP B 330 0.14 -8.31 -15.49
C TRP B 330 -0.38 -9.74 -15.46
N SER B 331 0.53 -10.68 -15.22
CA SER B 331 0.16 -12.08 -15.19
C SER B 331 0.91 -12.86 -14.11
CA CA C . -9.59 -2.91 14.78
PG ATP D . -13.17 -2.33 15.07
O1G ATP D . -13.20 -2.58 16.55
O2G ATP D . -11.70 -2.20 14.76
O3G ATP D . -14.16 -1.25 14.78
PB ATP D . -12.87 -4.95 14.29
O1B ATP D . -11.40 -4.61 14.11
O2B ATP D . -13.39 -5.75 15.45
O3B ATP D . -13.72 -3.60 14.27
PA ATP D . -12.60 -5.75 11.68
O1A ATP D . -11.39 -6.61 11.88
O2A ATP D . -12.40 -4.37 11.17
O3A ATP D . -13.46 -5.66 13.01
O5' ATP D . -13.58 -6.38 10.61
C5' ATP D . -14.86 -6.72 11.10
C4' ATP D . -15.93 -5.90 10.44
O4' ATP D . -15.61 -5.88 9.07
C3' ATP D . -17.27 -6.61 10.51
O3' ATP D . -18.35 -5.76 10.80
C2' ATP D . -17.49 -7.16 9.13
O2' ATP D . -18.83 -7.13 8.68
C1' ATP D . -16.77 -6.17 8.31
N9 ATP D . -16.51 -6.77 7.00
C8 ATP D . -15.76 -7.86 6.76
N7 ATP D . -15.72 -8.16 5.45
C5 ATP D . -16.49 -7.30 4.85
C6 ATP D . -16.84 -7.05 3.43
N6 ATP D . -16.46 -7.77 2.37
N1 ATP D . -17.61 -6.00 3.42
C2 ATP D . -18.17 -5.10 4.21
N3 ATP D . -17.82 -5.30 5.49
C4 ATP D . -17.00 -6.34 5.85
CA CA E . 11.73 13.69 11.86
CA CA F . 14.06 -9.21 -1.48
CA CA G . 17.81 8.32 -23.89
CA CA H . -11.47 3.18 -14.88
#